data_2WBV
#
_entry.id   2WBV
#
_cell.length_a   215.000
_cell.length_b   61.250
_cell.length_c   143.110
_cell.angle_alpha   90.00
_cell.angle_beta   131.67
_cell.angle_gamma   90.00
#
_symmetry.space_group_name_H-M   'C 1 2 1'
#
loop_
_entity.id
_entity.type
_entity.pdbx_description
1 polymer 'FIBER PROTEIN'
2 branched 'N-acetyl-alpha-neuraminic acid-(2-3)-beta-D-galactopyranose'
3 non-polymer GLYCEROL
4 non-polymer 'N-acetyl-alpha-neuraminic acid'
5 water water
#
_entity_poly.entity_id   1
_entity_poly.type   'polypeptide(L)'
_entity_poly.pdbx_seq_one_letter_code
;GAMSPPAAPITLWTGPGPSINGFINDTPVIRCFICLTRDSNLVTVNASFVGEGGYRIVSPTQSQFSLIMEFDQFGQLMST
GNINSTTTWGEKPWGNNTVQPRPSHTWKLCMPNREVYSTPAATISRCGLDSIAVDGAPSRSIDCMLIINKPKGVATYTLT
FRFLNFNRLSGGTLFKTDVLTFTYVGENQ
;
_entity_poly.pdbx_strand_id   A,B,C,D,E,F
#
loop_
_chem_comp.id
_chem_comp.type
_chem_comp.name
_chem_comp.formula
GAL D-saccharide, beta linking beta-D-galactopyranose 'C6 H12 O6'
GOL non-polymer GLYCEROL 'C3 H8 O3'
SIA D-saccharide, alpha linking 'N-acetyl-alpha-neuraminic acid' 'C11 H19 N O9'
#
# COMPACT_ATOMS: atom_id res chain seq x y z
N ALA A 7 3.15 38.27 19.76
CA ALA A 7 3.69 37.48 18.61
C ALA A 7 3.79 36.01 18.99
N ALA A 8 3.17 35.15 18.18
CA ALA A 8 3.24 33.71 18.44
C ALA A 8 3.11 32.93 17.13
N PRO A 9 3.61 31.68 17.12
CA PRO A 9 3.42 30.84 15.96
C PRO A 9 1.98 30.34 15.92
N ILE A 10 1.57 29.83 14.77
CA ILE A 10 0.24 29.31 14.64
C ILE A 10 0.18 28.33 13.47
N THR A 11 -0.57 27.24 13.67
CA THR A 11 -0.75 26.21 12.65
C THR A 11 -2.22 26.06 12.32
N LEU A 12 -2.55 26.18 11.04
CA LEU A 12 -3.86 25.77 10.51
C LEU A 12 -3.66 24.48 9.75
N TRP A 13 -4.60 23.55 9.89
CA TRP A 13 -4.49 22.27 9.21
C TRP A 13 -5.81 21.52 9.11
N THR A 14 -5.79 20.43 8.34
CA THR A 14 -6.91 19.54 8.13
C THR A 14 -7.06 18.50 9.25
N GLY A 15 -6.03 18.39 10.09
CA GLY A 15 -5.90 17.28 11.02
C GLY A 15 -5.36 16.05 10.34
N PRO A 16 -5.09 15.01 11.14
CA PRO A 16 -4.66 13.74 10.56
C PRO A 16 -5.86 12.99 9.95
N GLY A 17 -5.60 12.04 9.08
CA GLY A 17 -6.68 11.27 8.45
C GLY A 17 -7.81 12.11 7.88
N PRO A 18 -7.49 13.02 6.95
CA PRO A 18 -8.52 13.86 6.36
C PRO A 18 -9.52 13.03 5.55
N SER A 19 -10.75 13.51 5.48
CA SER A 19 -11.76 12.91 4.60
C SER A 19 -11.40 13.18 3.15
N ILE A 20 -12.25 12.74 2.22
CA ILE A 20 -12.06 13.10 0.80
C ILE A 20 -12.55 14.55 0.66
N ASN A 21 -11.59 15.47 0.73
CA ASN A 21 -11.84 16.89 0.93
C ASN A 21 -11.32 17.77 -0.21
N GLY A 22 -10.89 17.13 -1.30
CA GLY A 22 -10.48 17.81 -2.51
C GLY A 22 -11.52 17.51 -3.56
N PHE A 23 -12.24 18.55 -3.99
CA PHE A 23 -13.40 18.45 -4.88
C PHE A 23 -13.10 19.05 -6.23
N ILE A 24 -13.44 18.31 -7.30
CA ILE A 24 -13.41 18.81 -8.66
C ILE A 24 -14.83 18.66 -9.20
N ASN A 25 -15.42 19.75 -9.66
CA ASN A 25 -16.85 19.79 -10.03
C ASN A 25 -17.77 19.25 -8.93
N ASP A 26 -17.53 19.72 -7.70
CA ASP A 26 -18.26 19.28 -6.49
C ASP A 26 -18.22 17.77 -6.20
N THR A 27 -17.32 17.05 -6.85
CA THR A 27 -17.14 15.63 -6.62
C THR A 27 -15.88 15.42 -5.77
N PRO A 28 -16.00 14.67 -4.66
CA PRO A 28 -14.81 14.41 -3.84
C PRO A 28 -13.91 13.38 -4.51
N VAL A 29 -12.70 13.79 -4.87
CA VAL A 29 -11.80 12.93 -5.61
C VAL A 29 -10.39 12.75 -5.00
N ILE A 30 -10.01 13.60 -4.04
CA ILE A 30 -8.67 13.55 -3.46
C ILE A 30 -8.72 13.83 -1.97
N ARG A 31 -8.00 13.02 -1.17
CA ARG A 31 -7.83 13.27 0.26
C ARG A 31 -6.59 14.12 0.42
N CYS A 32 -6.77 15.29 1.01
CA CYS A 32 -5.70 16.27 1.12
C CYS A 32 -5.35 16.48 2.58
N PHE A 33 -4.13 16.10 2.94
CA PHE A 33 -3.57 16.53 4.19
C PHE A 33 -2.83 17.82 3.93
N ILE A 34 -3.25 18.89 4.61
CA ILE A 34 -2.66 20.20 4.44
C ILE A 34 -2.38 20.79 5.81
N CYS A 35 -1.16 21.27 5.99
CA CYS A 35 -0.73 21.96 7.21
C CYS A 35 -0.04 23.27 6.82
N LEU A 36 -0.53 24.39 7.38
CA LEU A 36 0.08 25.70 7.21
C LEU A 36 0.62 26.15 8.58
N THR A 37 1.95 26.14 8.72
CA THR A 37 2.59 26.51 9.97
C THR A 37 3.36 27.82 9.83
N ARG A 38 2.93 28.80 10.61
CA ARG A 38 3.56 30.10 10.68
C ARG A 38 4.47 30.10 11.91
N ASP A 39 5.75 30.35 11.68
CA ASP A 39 6.67 30.55 12.78
C ASP A 39 6.94 32.06 12.85
N SER A 40 8.18 32.52 13.02
CA SER A 40 8.40 33.96 13.25
C SER A 40 7.94 34.83 12.09
N ASN A 41 8.30 34.45 10.87
CA ASN A 41 8.08 35.27 9.67
C ASN A 41 7.51 34.48 8.47
N LEU A 42 8.00 33.27 8.29
CA LEU A 42 7.61 32.43 7.15
C LEU A 42 6.55 31.41 7.50
N VAL A 43 5.77 31.04 6.50
CA VAL A 43 4.80 29.96 6.61
C VAL A 43 5.31 28.77 5.82
N THR A 44 5.32 27.61 6.46
CA THR A 44 5.67 26.37 5.81
C THR A 44 4.38 25.63 5.48
N VAL A 45 4.24 25.32 4.19
CA VAL A 45 3.16 24.48 3.70
C VAL A 45 3.69 23.07 3.71
N ASN A 46 3.02 22.20 4.45
CA ASN A 46 3.35 20.78 4.47
C ASN A 46 2.10 20.04 4.03
N ALA A 47 2.20 19.30 2.93
CA ALA A 47 1.03 18.65 2.33
C ALA A 47 1.29 17.30 1.67
N SER A 48 0.25 16.48 1.65
CA SER A 48 0.26 15.24 0.89
C SER A 48 -1.15 14.92 0.43
N PHE A 49 -1.23 14.13 -0.64
CA PHE A 49 -2.50 13.89 -1.34
C PHE A 49 -2.64 12.42 -1.72
N VAL A 50 -3.88 11.92 -1.60
CA VAL A 50 -4.21 10.55 -2.04
C VAL A 50 -5.44 10.60 -2.92
N GLY A 51 -5.28 10.21 -4.18
CA GLY A 51 -6.38 10.16 -5.12
C GLY A 51 -7.35 9.05 -4.79
N GLU A 52 -8.63 9.34 -5.00
CA GLU A 52 -9.71 8.41 -4.72
C GLU A 52 -10.52 8.20 -5.98
N GLY A 53 -11.26 7.08 -6.02
CA GLY A 53 -12.15 6.77 -7.15
C GLY A 53 -11.42 6.82 -8.47
N GLY A 54 -11.88 7.71 -9.36
CA GLY A 54 -11.28 7.90 -10.68
C GLY A 54 -9.85 8.43 -10.66
N TYR A 55 -9.44 8.96 -9.51
CA TYR A 55 -8.11 9.51 -9.33
C TYR A 55 -7.19 8.62 -8.49
N ARG A 56 -7.64 7.41 -8.14
CA ARG A 56 -6.79 6.48 -7.40
C ARG A 56 -5.50 6.17 -8.18
N ILE A 57 -5.68 5.92 -9.47
CA ILE A 57 -4.57 5.68 -10.41
CA ILE A 57 -4.55 5.70 -10.39
C ILE A 57 -4.59 6.77 -11.47
N VAL A 58 -3.45 7.40 -11.73
CA VAL A 58 -3.35 8.41 -12.78
C VAL A 58 -2.48 7.87 -13.91
N SER A 59 -2.84 8.21 -15.14
CA SER A 59 -2.12 7.73 -16.30
C SER A 59 -1.34 8.89 -16.86
N PRO A 60 -0.37 8.61 -17.74
CA PRO A 60 0.38 9.70 -18.37
C PRO A 60 -0.47 10.70 -19.18
N THR A 61 -1.69 10.32 -19.57
CA THR A 61 -2.59 11.24 -20.27
C THR A 61 -3.54 12.01 -19.36
N GLN A 62 -3.37 11.87 -18.04
CA GLN A 62 -4.18 12.63 -17.08
C GLN A 62 -4.07 14.13 -17.34
N SER A 63 -5.22 14.79 -17.41
CA SER A 63 -5.26 16.24 -17.55
CA SER A 63 -5.25 16.24 -17.56
CA SER A 63 -5.25 16.24 -17.56
C SER A 63 -4.83 16.89 -16.24
N GLN A 64 -4.06 17.96 -16.36
CA GLN A 64 -3.62 18.75 -15.21
C GLN A 64 -4.83 19.33 -14.49
N PHE A 65 -4.67 19.62 -13.21
CA PHE A 65 -5.75 20.24 -12.43
C PHE A 65 -5.18 21.02 -11.24
N SER A 66 -5.97 21.99 -10.81
CA SER A 66 -5.69 22.81 -9.64
C SER A 66 -6.63 22.46 -8.51
N LEU A 67 -6.10 22.38 -7.29
CA LEU A 67 -6.90 22.41 -6.09
C LEU A 67 -6.65 23.76 -5.41
N ILE A 68 -7.66 24.62 -5.40
CA ILE A 68 -7.51 25.98 -4.86
C ILE A 68 -8.18 26.12 -3.49
N MET A 69 -7.45 26.72 -2.55
CA MET A 69 -7.96 27.14 -1.26
C MET A 69 -8.19 28.65 -1.29
N GLU A 70 -9.40 29.08 -0.92
CA GLU A 70 -9.78 30.50 -0.91
C GLU A 70 -9.91 30.95 0.54
N PHE A 71 -9.24 32.05 0.87
CA PHE A 71 -9.31 32.62 2.22
C PHE A 71 -9.81 34.05 2.17
N ASP A 72 -10.59 34.42 3.19
CA ASP A 72 -11.05 35.80 3.33
C ASP A 72 -9.94 36.66 3.95
N GLN A 73 -10.22 37.95 4.15
CA GLN A 73 -9.22 38.92 4.63
C GLN A 73 -8.67 38.62 6.05
N PHE A 74 -9.37 37.76 6.78
CA PHE A 74 -9.02 37.38 8.15
C PHE A 74 -8.36 36.00 8.26
N GLY A 75 -8.05 35.40 7.11
CA GLY A 75 -7.40 34.11 7.09
C GLY A 75 -8.34 32.93 7.29
N GLN A 76 -9.65 33.15 7.13
CA GLN A 76 -10.63 32.06 7.26
C GLN A 76 -10.86 31.39 5.91
N LEU A 77 -10.78 30.06 5.91
CA LEU A 77 -11.01 29.27 4.71
C LEU A 77 -12.47 29.40 4.28
N MET A 78 -12.67 29.73 3.01
CA MET A 78 -14.00 29.95 2.46
C MET A 78 -14.60 28.63 1.95
N SER A 79 -15.91 28.63 1.72
CA SER A 79 -16.63 27.41 1.35
C SER A 79 -16.55 27.02 -0.13
N THR A 80 -15.88 27.85 -0.94
CA THR A 80 -16.03 27.78 -2.40
C THR A 80 -14.83 27.21 -3.19
N GLY A 81 -13.69 26.99 -2.55
CA GLY A 81 -12.54 26.44 -3.24
C GLY A 81 -12.67 24.93 -3.45
N ASN A 82 -11.70 24.36 -4.16
CA ASN A 82 -11.62 22.89 -4.26
C ASN A 82 -11.39 22.23 -2.90
N ILE A 83 -10.64 22.91 -2.06
CA ILE A 83 -10.45 22.54 -0.66
C ILE A 83 -11.07 23.67 0.13
N ASN A 84 -12.02 23.35 1.00
CA ASN A 84 -12.89 24.38 1.54
C ASN A 84 -13.41 24.06 2.93
N SER A 85 -14.15 25.01 3.50
CA SER A 85 -14.58 24.95 4.89
C SER A 85 -15.69 23.95 5.20
N THR A 86 -16.21 23.25 4.17
CA THR A 86 -17.19 22.19 4.40
C THR A 86 -16.54 20.93 4.98
N THR A 87 -15.21 20.84 4.93
CA THR A 87 -14.51 19.73 5.56
C THR A 87 -13.64 20.26 6.71
N THR A 88 -13.10 19.34 7.51
CA THR A 88 -12.31 19.69 8.70
C THR A 88 -11.15 20.62 8.36
N TRP A 89 -11.10 21.75 9.06
CA TRP A 89 -10.06 22.76 8.89
C TRP A 89 -10.06 23.67 10.11
N GLY A 90 -8.89 23.92 10.66
CA GLY A 90 -8.79 24.80 11.81
C GLY A 90 -7.44 24.79 12.43
N GLU A 91 -7.35 25.33 13.63
CA GLU A 91 -6.07 25.50 14.29
C GLU A 91 -5.62 24.24 15.01
N LYS A 92 -4.33 23.93 14.91
CA LYS A 92 -3.74 22.85 15.65
C LYS A 92 -3.21 23.39 16.97
N PRO A 93 -3.78 22.95 18.10
CA PRO A 93 -3.16 23.34 19.36
C PRO A 93 -1.80 22.66 19.56
N TRP A 94 -0.86 23.38 20.15
CA TRP A 94 0.39 22.75 20.52
C TRP A 94 0.07 21.67 21.55
N GLY A 95 0.56 20.46 21.32
CA GLY A 95 0.38 19.37 22.28
C GLY A 95 -0.68 18.32 21.96
N ASN A 96 -1.51 18.57 20.95
CA ASN A 96 -2.49 17.56 20.52
C ASN A 96 -2.77 17.62 19.03
N ASN A 97 -3.49 16.62 18.54
CA ASN A 97 -3.80 16.52 17.11
C ASN A 97 -5.23 16.91 16.77
N THR A 98 -5.84 17.80 17.57
CA THR A 98 -7.19 18.26 17.27
C THR A 98 -7.18 19.39 16.24
N VAL A 99 -8.37 19.72 15.75
CA VAL A 99 -8.60 20.80 14.80
C VAL A 99 -9.62 21.73 15.46
N GLN A 100 -9.19 22.92 15.82
CA GLN A 100 -10.05 23.87 16.50
C GLN A 100 -10.70 24.82 15.49
N PRO A 101 -12.01 24.69 15.30
CA PRO A 101 -12.70 25.37 14.20
C PRO A 101 -13.01 26.83 14.42
N ARG A 102 -12.91 27.31 15.66
CA ARG A 102 -13.28 28.70 15.98
C ARG A 102 -12.17 29.67 15.58
N PRO A 103 -12.46 30.55 14.61
CA PRO A 103 -11.45 31.48 14.09
C PRO A 103 -10.90 32.46 15.12
N SER A 104 -9.64 32.84 14.92
CA SER A 104 -8.97 33.85 15.72
C SER A 104 -8.40 34.90 14.76
N HIS A 105 -8.14 36.10 15.28
CA HIS A 105 -7.42 37.11 14.50
C HIS A 105 -6.06 36.57 14.03
N THR A 106 -5.46 35.69 14.83
CA THR A 106 -4.14 35.13 14.55
C THR A 106 -4.08 34.30 13.26
N TRP A 107 -5.23 33.87 12.75
CA TRP A 107 -5.28 33.02 11.56
C TRP A 107 -4.73 33.73 10.32
N LYS A 108 -4.79 35.06 10.34
CA LYS A 108 -4.26 35.90 9.26
C LYS A 108 -2.76 35.71 9.06
N LEU A 109 -2.06 35.32 10.12
CA LEU A 109 -0.61 35.13 10.08
C LEU A 109 -0.14 33.94 9.21
N CYS A 110 -1.05 33.00 8.95
CA CYS A 110 -0.77 31.89 8.03
C CYS A 110 -0.97 32.28 6.55
N MET A 111 -1.46 33.50 6.29
CA MET A 111 -1.78 33.91 4.93
C MET A 111 -0.53 34.45 4.23
N PRO A 112 -0.47 34.29 2.90
CA PRO A 112 0.62 34.88 2.13
C PRO A 112 0.56 36.40 2.08
N ASN A 113 1.58 37.01 2.66
CA ASN A 113 1.75 38.46 2.73
C ASN A 113 1.30 39.18 1.47
N ARG A 114 0.24 40.00 1.59
CA ARG A 114 -0.40 40.61 0.42
CA ARG A 114 -0.40 40.59 0.42
C ARG A 114 0.49 41.60 -0.31
N GLU A 115 1.36 42.30 0.42
CA GLU A 115 2.29 43.25 -0.21
C GLU A 115 3.45 42.52 -0.89
N VAL A 116 3.96 41.46 -0.28
CA VAL A 116 5.01 40.66 -0.90
C VAL A 116 4.46 39.92 -2.14
N TYR A 117 3.22 39.43 -2.02
CA TYR A 117 2.58 38.67 -3.08
C TYR A 117 1.43 39.46 -3.67
N SER A 118 1.76 40.68 -4.12
CA SER A 118 0.77 41.59 -4.71
C SER A 118 0.45 41.20 -6.14
N THR A 119 1.38 40.49 -6.78
CA THR A 119 1.09 39.73 -7.99
C THR A 119 1.39 38.24 -7.71
N PRO A 120 0.75 37.33 -8.48
CA PRO A 120 0.91 35.91 -8.16
C PRO A 120 2.35 35.40 -8.19
N ALA A 121 2.69 34.56 -7.22
CA ALA A 121 3.99 33.90 -7.15
C ALA A 121 3.78 32.38 -7.25
N ALA A 122 4.85 31.65 -7.57
CA ALA A 122 4.74 30.22 -7.77
C ALA A 122 6.03 29.50 -7.41
N THR A 123 5.89 28.24 -7.00
CA THR A 123 7.02 27.31 -6.87
C THR A 123 6.63 25.98 -7.47
N ILE A 124 7.32 25.57 -8.53
CA ILE A 124 7.08 24.26 -9.10
C ILE A 124 8.17 23.31 -8.64
N SER A 125 7.75 22.22 -8.04
CA SER A 125 8.66 21.21 -7.50
C SER A 125 8.21 19.80 -7.91
N ARG A 126 9.18 18.90 -7.94
CA ARG A 126 8.91 17.47 -8.12
C ARG A 126 7.84 16.98 -7.13
N CYS A 127 6.98 16.08 -7.59
CA CYS A 127 5.98 15.44 -6.75
C CYS A 127 6.05 13.93 -7.02
N GLY A 128 6.84 13.23 -6.21
CA GLY A 128 6.96 11.78 -6.33
C GLY A 128 5.66 11.10 -6.00
N LEU A 129 5.31 10.09 -6.79
CA LEU A 129 4.10 9.32 -6.55
C LEU A 129 4.45 7.90 -6.12
N ASP A 130 3.78 7.41 -5.07
CA ASP A 130 3.91 6.00 -4.66
C ASP A 130 5.37 5.59 -4.47
N SER A 131 6.15 6.53 -3.94
CA SER A 131 7.59 6.45 -3.96
C SER A 131 8.19 5.24 -3.26
N ILE A 132 7.59 4.81 -2.14
CA ILE A 132 8.10 3.64 -1.42
C ILE A 132 7.92 2.37 -2.28
N ALA A 133 6.71 2.18 -2.82
CA ALA A 133 6.39 0.97 -3.60
C ALA A 133 7.09 0.89 -4.96
N VAL A 134 7.39 2.05 -5.56
CA VAL A 134 8.12 2.06 -6.83
C VAL A 134 9.60 2.38 -6.63
N ASP A 135 10.04 2.32 -5.37
CA ASP A 135 11.38 2.70 -4.95
C ASP A 135 11.96 3.94 -5.66
N GLY A 136 11.16 5.01 -5.68
CA GLY A 136 11.57 6.29 -6.22
C GLY A 136 12.01 6.31 -7.68
N ALA A 137 11.46 5.41 -8.50
CA ALA A 137 11.77 5.41 -9.93
C ALA A 137 11.62 6.82 -10.50
N PRO A 138 12.63 7.31 -11.24
CA PRO A 138 12.56 8.66 -11.80
C PRO A 138 11.27 8.95 -12.59
N SER A 139 10.78 7.96 -13.34
CA SER A 139 9.62 8.14 -14.23
C SER A 139 8.26 7.97 -13.52
N ARG A 140 8.29 7.97 -12.19
CA ARG A 140 7.07 7.89 -11.37
C ARG A 140 6.80 9.18 -10.58
N SER A 141 7.42 10.28 -11.01
CA SER A 141 7.16 11.61 -10.46
C SER A 141 6.38 12.51 -11.42
N ILE A 142 5.48 13.32 -10.86
CA ILE A 142 4.86 14.43 -11.58
C ILE A 142 5.40 15.75 -10.98
N ASP A 143 4.77 16.87 -11.30
CA ASP A 143 5.10 18.14 -10.65
C ASP A 143 3.88 18.62 -9.89
N CYS A 144 4.14 19.27 -8.77
CA CYS A 144 3.12 20.01 -8.08
C CYS A 144 3.62 21.43 -7.91
N MET A 145 2.87 22.37 -8.47
CA MET A 145 3.19 23.79 -8.37
C MET A 145 2.26 24.46 -7.36
N LEU A 146 2.85 25.12 -6.36
CA LEU A 146 2.09 25.99 -5.49
C LEU A 146 2.02 27.36 -6.17
N ILE A 147 0.81 27.86 -6.36
CA ILE A 147 0.60 29.23 -6.80
C ILE A 147 0.06 30.05 -5.61
N ILE A 148 0.67 31.20 -5.38
CA ILE A 148 0.34 32.08 -4.27
C ILE A 148 -0.40 33.32 -4.79
N ASN A 149 -1.62 33.50 -4.31
CA ASN A 149 -2.45 34.67 -4.58
C ASN A 149 -2.78 34.92 -6.05
N LYS A 150 -2.97 33.84 -6.80
CA LYS A 150 -3.67 33.95 -8.07
C LYS A 150 -5.14 34.27 -7.75
N PRO A 151 -5.71 35.32 -8.39
CA PRO A 151 -7.12 35.65 -8.12
C PRO A 151 -8.08 34.49 -8.35
N LYS A 152 -9.04 34.33 -7.44
CA LYS A 152 -10.12 33.37 -7.58
C LYS A 152 -11.33 33.88 -6.79
N GLY A 153 -12.47 34.02 -7.48
CA GLY A 153 -13.68 34.58 -6.88
C GLY A 153 -13.44 35.91 -6.17
N VAL A 154 -13.90 36.00 -4.92
CA VAL A 154 -13.69 37.18 -4.09
C VAL A 154 -12.72 36.88 -2.94
N ALA A 155 -11.88 35.84 -3.11
CA ALA A 155 -10.88 35.50 -2.09
C ALA A 155 -9.85 36.62 -1.94
N THR A 156 -9.42 36.86 -0.71
CA THR A 156 -8.35 37.82 -0.45
C THR A 156 -6.98 37.16 -0.61
N TYR A 157 -6.90 35.92 -0.16
CA TYR A 157 -5.70 35.08 -0.31
C TYR A 157 -6.08 33.75 -0.96
N THR A 158 -5.19 33.24 -1.79
CA THR A 158 -5.37 31.92 -2.37
C THR A 158 -4.07 31.16 -2.33
N LEU A 159 -4.21 29.86 -2.12
CA LEU A 159 -3.15 28.89 -2.28
C LEU A 159 -3.67 27.84 -3.24
N THR A 160 -2.93 27.62 -4.32
CA THR A 160 -3.33 26.65 -5.33
C THR A 160 -2.28 25.56 -5.41
N PHE A 161 -2.73 24.32 -5.32
CA PHE A 161 -1.92 23.15 -5.62
C PHE A 161 -2.26 22.68 -7.03
N ARG A 162 -1.33 22.92 -7.94
CA ARG A 162 -1.55 22.57 -9.35
C ARG A 162 -0.68 21.38 -9.70
N PHE A 163 -1.34 20.31 -10.14
CA PHE A 163 -0.69 19.04 -10.48
C PHE A 163 -0.55 18.98 -11.98
N LEU A 164 0.70 18.81 -12.42
CA LEU A 164 1.11 19.04 -13.80
C LEU A 164 2.08 17.96 -14.26
N ASN A 165 2.21 17.85 -15.58
CA ASN A 165 3.23 17.02 -16.22
C ASN A 165 3.10 15.53 -15.92
N PHE A 166 1.85 15.07 -15.93
CA PHE A 166 1.54 13.66 -15.81
C PHE A 166 2.15 12.89 -16.97
N ASN A 167 2.33 13.56 -18.11
CA ASN A 167 2.89 12.90 -19.29
C ASN A 167 4.37 12.52 -19.14
N ARG A 168 5.00 12.93 -18.04
CA ARG A 168 6.33 12.45 -17.64
C ARG A 168 6.30 11.04 -17.01
N LEU A 169 5.13 10.59 -16.59
CA LEU A 169 5.00 9.24 -16.01
C LEU A 169 5.22 8.18 -17.07
N SER A 170 5.91 7.11 -16.71
CA SER A 170 6.13 5.99 -17.65
C SER A 170 4.89 5.11 -17.86
N GLY A 171 3.94 5.18 -16.93
CA GLY A 171 2.70 4.41 -17.04
C GLY A 171 1.76 4.76 -15.93
N GLY A 172 0.66 4.02 -15.82
CA GLY A 172 -0.28 4.18 -14.72
C GLY A 172 0.42 4.16 -13.38
N THR A 173 0.07 5.09 -12.50
CA THR A 173 0.77 5.25 -11.22
C THR A 173 -0.27 5.56 -10.15
N LEU A 174 -0.12 4.93 -8.99
CA LEU A 174 -0.98 5.17 -7.87
C LEU A 174 -0.77 6.61 -7.40
N PHE A 175 -1.84 7.39 -7.31
CA PHE A 175 -1.75 8.82 -6.98
C PHE A 175 -1.66 8.99 -5.47
N LYS A 176 -0.49 8.65 -4.94
CA LYS A 176 -0.19 8.62 -3.51
C LYS A 176 1.06 9.49 -3.38
N THR A 177 0.86 10.79 -3.15
CA THR A 177 1.99 11.71 -3.25
C THR A 177 2.91 11.61 -2.06
N ASP A 178 4.16 11.96 -2.33
CA ASP A 178 5.09 12.30 -1.28
C ASP A 178 4.57 13.43 -0.38
N VAL A 179 5.24 13.59 0.74
CA VAL A 179 5.08 14.77 1.57
C VAL A 179 5.77 15.94 0.85
N LEU A 180 4.98 16.95 0.54
CA LEU A 180 5.44 18.12 -0.20
C LEU A 180 5.58 19.32 0.75
N THR A 181 6.59 20.14 0.52
CA THR A 181 6.86 21.33 1.33
C THR A 181 7.06 22.55 0.43
N PHE A 182 6.45 23.66 0.82
CA PHE A 182 6.64 24.97 0.21
C PHE A 182 6.75 25.97 1.34
N THR A 183 7.23 27.17 1.01
CA THR A 183 7.46 28.24 1.98
C THR A 183 7.10 29.58 1.36
N TYR A 184 6.52 30.46 2.16
CA TYR A 184 6.26 31.84 1.74
C TYR A 184 6.26 32.78 2.95
N VAL A 185 6.36 34.08 2.67
CA VAL A 185 6.39 35.11 3.70
C VAL A 185 4.97 35.29 4.23
N GLY A 186 4.83 35.21 5.54
CA GLY A 186 3.52 35.32 6.17
C GLY A 186 3.05 36.77 6.24
N GLU A 187 1.74 36.91 6.32
CA GLU A 187 1.08 38.20 6.47
C GLU A 187 1.35 38.80 7.85
N ASN A 188 1.29 40.13 7.93
CA ASN A 188 1.41 40.82 9.20
C ASN A 188 0.04 40.94 9.87
N GLN A 189 0.02 40.84 11.19
CA GLN A 189 -1.22 40.99 11.95
C GLN A 189 -1.95 42.30 11.63
N SER B 4 13.32 32.44 26.87
CA SER B 4 12.50 33.16 25.88
C SER B 4 12.99 32.82 24.47
N PRO B 5 12.74 31.58 24.02
CA PRO B 5 12.94 31.28 22.61
C PRO B 5 12.28 32.30 21.68
N PRO B 6 11.06 32.80 21.99
CA PRO B 6 10.48 33.84 21.14
C PRO B 6 11.28 35.15 21.03
N ALA B 7 12.28 35.36 21.88
CA ALA B 7 13.15 36.52 21.80
C ALA B 7 14.25 36.38 20.74
N ALA B 8 14.48 35.16 20.25
CA ALA B 8 15.63 34.87 19.40
C ALA B 8 15.45 34.92 17.86
N PRO B 9 14.21 34.87 17.34
CA PRO B 9 14.17 34.87 15.87
C PRO B 9 14.43 36.25 15.27
N ILE B 10 14.98 36.25 14.06
CA ILE B 10 15.26 37.49 13.36
C ILE B 10 15.19 37.25 11.86
N THR B 11 14.69 38.25 11.14
CA THR B 11 14.61 38.24 9.71
C THR B 11 15.37 39.43 9.15
N LEU B 12 16.27 39.17 8.20
CA LEU B 12 16.95 40.19 7.42
C LEU B 12 16.41 40.06 6.01
N TRP B 13 16.13 41.18 5.36
CA TRP B 13 15.57 41.14 4.00
C TRP B 13 15.72 42.44 3.23
N THR B 14 15.39 42.35 1.95
CA THR B 14 15.40 43.46 0.99
C THR B 14 14.14 44.32 1.10
N GLY B 15 13.13 43.80 1.81
CA GLY B 15 11.78 44.36 1.76
C GLY B 15 11.08 43.93 0.50
N PRO B 16 9.78 44.23 0.38
CA PRO B 16 9.06 43.94 -0.85
C PRO B 16 9.43 44.93 -1.96
N GLY B 17 9.13 44.57 -3.20
CA GLY B 17 9.37 45.43 -4.35
C GLY B 17 10.77 45.99 -4.41
N PRO B 18 11.79 45.11 -4.37
CA PRO B 18 13.17 45.58 -4.36
C PRO B 18 13.52 46.30 -5.65
N SER B 19 14.50 47.19 -5.56
CA SER B 19 15.05 47.86 -6.73
C SER B 19 15.88 46.86 -7.55
N ILE B 20 16.44 47.33 -8.65
CA ILE B 20 17.35 46.50 -9.44
C ILE B 20 18.65 46.47 -8.65
N ASN B 21 18.77 45.45 -7.81
CA ASN B 21 19.77 45.40 -6.76
C ASN B 21 20.76 44.24 -6.92
N GLY B 22 20.65 43.51 -8.01
CA GLY B 22 21.58 42.46 -8.36
C GLY B 22 22.48 42.99 -9.45
N PHE B 23 23.77 43.12 -9.15
CA PHE B 23 24.75 43.72 -10.05
C PHE B 23 25.69 42.68 -10.64
N ILE B 24 25.95 42.77 -11.94
CA ILE B 24 26.99 41.98 -12.58
C ILE B 24 27.90 42.95 -13.34
N ASN B 25 29.19 42.95 -13.01
CA ASN B 25 30.14 43.92 -13.59
C ASN B 25 29.71 45.37 -13.33
N ASP B 26 29.21 45.62 -12.12
CA ASP B 26 28.74 46.94 -11.67
C ASP B 26 27.54 47.51 -12.45
N THR B 27 26.84 46.64 -13.17
CA THR B 27 25.61 47.03 -13.87
C THR B 27 24.42 46.39 -13.18
N PRO B 28 23.39 47.18 -12.80
CA PRO B 28 22.20 46.61 -12.18
C PRO B 28 21.38 45.84 -13.23
N VAL B 29 21.25 44.54 -13.05
CA VAL B 29 20.59 43.68 -14.04
C VAL B 29 19.43 42.83 -13.52
N ILE B 30 19.37 42.55 -12.22
CA ILE B 30 18.35 41.66 -11.66
C ILE B 30 17.72 42.28 -10.39
N ARG B 31 16.39 42.18 -10.27
CA ARG B 31 15.67 42.56 -9.05
C ARG B 31 15.61 41.35 -8.14
N CYS B 32 16.20 41.47 -6.98
CA CYS B 32 16.36 40.33 -6.06
C CYS B 32 15.56 40.54 -4.80
N PHE B 33 14.57 39.68 -4.58
CA PHE B 33 13.87 39.60 -3.31
C PHE B 33 14.55 38.54 -2.48
N ILE B 34 15.16 38.94 -1.37
CA ILE B 34 15.92 38.02 -0.53
C ILE B 34 15.44 38.19 0.92
N CYS B 35 15.08 37.07 1.53
CA CYS B 35 14.67 37.05 2.92
C CYS B 35 15.44 35.95 3.64
N LEU B 36 16.14 36.30 4.72
CA LEU B 36 16.82 35.32 5.56
C LEU B 36 16.12 35.32 6.91
N THR B 37 15.41 34.25 7.22
CA THR B 37 14.70 34.12 8.49
C THR B 37 15.32 33.08 9.40
N ARG B 38 15.82 33.55 10.53
CA ARG B 38 16.34 32.71 11.59
C ARG B 38 15.21 32.42 12.58
N ASP B 39 14.94 31.14 12.80
CA ASP B 39 14.07 30.73 13.90
C ASP B 39 14.96 30.17 15.02
N SER B 40 14.65 29.02 15.63
CA SER B 40 15.42 28.59 16.81
C SER B 40 16.88 28.23 16.48
N ASN B 41 17.07 27.53 15.37
CA ASN B 41 18.38 26.99 15.02
C ASN B 41 18.75 27.15 13.55
N LEU B 42 17.79 26.88 12.66
CA LEU B 42 18.02 26.99 11.23
C LEU B 42 17.61 28.34 10.66
N VAL B 43 18.27 28.73 9.58
CA VAL B 43 17.91 29.88 8.78
C VAL B 43 17.28 29.36 7.48
N THR B 44 16.13 29.92 7.15
CA THR B 44 15.47 29.67 5.88
C THR B 44 15.73 30.86 4.95
N VAL B 45 16.23 30.55 3.76
CA VAL B 45 16.41 31.52 2.71
C VAL B 45 15.17 31.43 1.83
N ASN B 46 14.50 32.56 1.63
CA ASN B 46 13.36 32.64 0.73
C ASN B 46 13.70 33.76 -0.27
N ALA B 47 13.74 33.42 -1.56
CA ALA B 47 14.32 34.29 -2.59
C ALA B 47 13.56 34.20 -3.91
N SER B 48 13.49 35.30 -4.63
CA SER B 48 12.97 35.29 -6.00
C SER B 48 13.61 36.43 -6.78
N PHE B 49 13.66 36.27 -8.09
CA PHE B 49 14.45 37.12 -8.96
C PHE B 49 13.69 37.45 -10.23
N VAL B 50 13.81 38.70 -10.66
CA VAL B 50 13.27 39.12 -11.94
C VAL B 50 14.38 39.84 -12.71
N GLY B 51 14.70 39.32 -13.89
CA GLY B 51 15.69 39.92 -14.77
C GLY B 51 15.19 41.19 -15.43
N GLU B 52 16.11 42.15 -15.57
CA GLU B 52 15.84 43.43 -16.21
C GLU B 52 16.90 43.71 -17.27
N GLY B 53 16.63 44.68 -18.14
CA GLY B 53 17.55 45.03 -19.21
C GLY B 53 17.85 43.83 -20.10
N GLY B 54 19.14 43.56 -20.29
CA GLY B 54 19.58 42.40 -21.05
C GLY B 54 19.28 41.06 -20.39
N TYR B 55 18.94 41.07 -19.11
CA TYR B 55 18.60 39.85 -18.38
C TYR B 55 17.09 39.61 -18.26
N ARG B 56 16.29 40.42 -18.95
CA ARG B 56 14.84 40.25 -18.90
C ARG B 56 14.43 38.87 -19.45
N ILE B 57 15.05 38.52 -20.57
CA ILE B 57 14.86 37.25 -21.24
C ILE B 57 16.20 36.53 -21.25
N VAL B 58 16.20 35.26 -20.89
CA VAL B 58 17.42 34.44 -20.97
C VAL B 58 17.25 33.34 -22.02
N SER B 59 18.32 33.06 -22.75
CA SER B 59 18.29 32.01 -23.77
C SER B 59 18.96 30.74 -23.24
N PRO B 60 18.80 29.61 -23.97
CA PRO B 60 19.52 28.39 -23.62
C PRO B 60 21.05 28.52 -23.62
N THR B 61 21.59 29.47 -24.37
CA THR B 61 23.03 29.69 -24.44
C THR B 61 23.56 30.68 -23.38
N GLN B 62 22.66 31.14 -22.50
CA GLN B 62 23.02 32.03 -21.41
C GLN B 62 24.15 31.42 -20.57
N SER B 63 25.19 32.21 -20.30
CA SER B 63 26.27 31.75 -19.44
C SER B 63 25.81 31.77 -17.99
N GLN B 64 26.27 30.78 -17.22
CA GLN B 64 25.99 30.72 -15.79
C GLN B 64 26.55 31.96 -15.08
N PHE B 65 25.95 32.32 -13.95
CA PHE B 65 26.45 33.44 -13.14
C PHE B 65 26.08 33.29 -11.67
N SER B 66 26.91 33.91 -10.82
CA SER B 66 26.70 33.96 -9.38
C SER B 66 26.30 35.37 -8.94
N LEU B 67 25.33 35.42 -8.04
CA LEU B 67 25.04 36.62 -7.29
C LEU B 67 25.48 36.34 -5.86
N ILE B 68 26.59 36.95 -5.46
CA ILE B 68 27.21 36.72 -4.15
C ILE B 68 26.85 37.83 -3.14
N MET B 69 26.37 37.43 -1.96
CA MET B 69 26.18 38.33 -0.83
C MET B 69 27.35 38.09 0.11
N GLU B 70 28.05 39.17 0.46
CA GLU B 70 29.18 39.13 1.39
C GLU B 70 28.74 39.72 2.73
N PHE B 71 29.01 38.99 3.81
CA PHE B 71 28.70 39.44 5.15
C PHE B 71 29.95 39.44 6.00
N ASP B 72 30.07 40.43 6.88
CA ASP B 72 31.17 40.49 7.82
C ASP B 72 30.85 39.62 9.03
N GLN B 73 31.73 39.64 10.03
CA GLN B 73 31.62 38.73 11.16
C GLN B 73 30.45 39.07 12.10
N PHE B 74 29.85 40.24 11.94
CA PHE B 74 28.71 40.62 12.76
C PHE B 74 27.37 40.47 12.01
N GLY B 75 27.42 39.81 10.85
CA GLY B 75 26.22 39.58 10.06
C GLY B 75 25.78 40.80 9.27
N GLN B 76 26.69 41.74 9.07
CA GLN B 76 26.40 42.95 8.29
C GLN B 76 26.69 42.71 6.82
N LEU B 77 25.70 42.95 5.97
CA LEU B 77 25.89 42.83 4.53
C LEU B 77 26.90 43.88 4.10
N MET B 78 27.93 43.43 3.40
CA MET B 78 29.00 44.30 2.92
C MET B 78 28.59 44.99 1.62
N SER B 79 29.33 46.03 1.24
CA SER B 79 28.98 46.83 0.06
C SER B 79 29.51 46.26 -1.25
N THR B 80 30.23 45.14 -1.20
CA THR B 80 31.06 44.69 -2.32
C THR B 80 30.57 43.44 -3.11
N GLY B 81 29.48 42.82 -2.67
CA GLY B 81 28.96 41.66 -3.38
C GLY B 81 28.10 42.06 -4.57
N ASN B 82 27.60 41.07 -5.29
CA ASN B 82 26.63 41.32 -6.38
C ASN B 82 25.32 41.83 -5.81
N ILE B 83 24.96 41.33 -4.63
CA ILE B 83 23.84 41.86 -3.86
C ILE B 83 24.49 42.45 -2.61
N ASN B 84 24.25 43.73 -2.35
CA ASN B 84 25.08 44.43 -1.38
C ASN B 84 24.36 45.55 -0.66
N SER B 85 25.04 46.15 0.32
CA SER B 85 24.43 47.10 1.22
C SER B 85 24.26 48.51 0.65
N THR B 86 24.60 48.74 -0.63
CA THR B 86 24.29 50.01 -1.29
C THR B 86 22.80 50.12 -1.66
N THR B 87 22.07 49.02 -1.56
CA THR B 87 20.62 49.00 -1.77
C THR B 87 19.93 48.53 -0.50
N THR B 88 18.60 48.55 -0.52
CA THR B 88 17.78 48.31 0.67
C THR B 88 18.04 46.93 1.28
N TRP B 89 18.36 46.94 2.57
CA TRP B 89 18.66 45.72 3.31
C TRP B 89 18.63 46.02 4.80
N GLY B 90 17.96 45.18 5.57
CA GLY B 90 17.95 45.33 7.00
C GLY B 90 16.97 44.37 7.63
N GLU B 91 16.63 44.64 8.88
CA GLU B 91 15.77 43.75 9.65
C GLU B 91 14.29 44.02 9.37
N LYS B 92 13.51 42.95 9.25
CA LYS B 92 12.06 43.05 9.18
C LYS B 92 11.51 42.95 10.59
N PRO B 93 10.88 44.03 11.06
CA PRO B 93 10.18 43.95 12.34
C PRO B 93 8.96 43.03 12.24
N TRP B 94 8.72 42.24 13.27
CA TRP B 94 7.49 41.46 13.32
C TRP B 94 6.33 42.44 13.28
N GLY B 95 5.38 42.21 12.37
CA GLY B 95 4.17 43.03 12.35
C GLY B 95 4.10 44.08 11.26
N ASN B 96 5.20 44.30 10.54
CA ASN B 96 5.16 45.21 9.39
C ASN B 96 6.19 44.84 8.31
N ASN B 97 6.07 45.52 7.16
CA ASN B 97 6.93 45.27 6.01
C ASN B 97 8.03 46.31 5.81
N THR B 98 8.48 46.95 6.89
CA THR B 98 9.60 47.88 6.78
C THR B 98 10.93 47.14 6.77
N VAL B 99 11.98 47.90 6.44
CA VAL B 99 13.34 47.40 6.47
C VAL B 99 14.10 48.32 7.41
N GLN B 100 14.61 47.77 8.51
CA GLN B 100 15.30 48.58 9.50
C GLN B 100 16.81 48.44 9.29
N PRO B 101 17.45 49.50 8.76
CA PRO B 101 18.82 49.41 8.28
C PRO B 101 19.90 49.48 9.36
N ARG B 102 19.56 49.85 10.59
CA ARG B 102 20.58 50.03 11.62
C ARG B 102 21.04 48.68 12.18
N PRO B 103 22.33 48.33 11.97
CA PRO B 103 22.82 46.99 12.35
C PRO B 103 22.70 46.71 13.84
N SER B 104 22.32 45.47 14.13
CA SER B 104 22.31 44.94 15.48
C SER B 104 23.23 43.72 15.52
N HIS B 105 23.78 43.42 16.69
CA HIS B 105 24.58 42.20 16.83
C HIS B 105 23.78 40.92 16.62
N THR B 106 22.46 40.98 16.79
CA THR B 106 21.57 39.84 16.51
C THR B 106 21.59 39.36 15.04
N TRP B 107 22.04 40.24 14.15
CA TRP B 107 22.10 39.97 12.70
C TRP B 107 22.98 38.78 12.39
N LYS B 108 23.97 38.54 13.24
CA LYS B 108 24.85 37.39 13.12
C LYS B 108 24.09 36.05 13.13
N LEU B 109 22.94 36.00 13.81
CA LEU B 109 22.12 34.78 13.90
C LEU B 109 21.55 34.30 12.56
N CYS B 110 21.48 35.19 11.58
CA CYS B 110 21.05 34.80 10.23
C CYS B 110 22.19 34.25 9.36
N MET B 111 23.41 34.21 9.90
CA MET B 111 24.58 33.80 9.11
C MET B 111 24.74 32.29 9.11
N PRO B 112 25.39 31.73 8.06
CA PRO B 112 25.66 30.29 8.06
C PRO B 112 26.80 29.91 9.00
N ASN B 113 26.45 29.12 10.02
CA ASN B 113 27.35 28.65 11.09
C ASN B 113 28.78 28.33 10.59
N ARG B 114 29.78 29.06 11.10
CA ARG B 114 31.16 28.96 10.63
C ARG B 114 31.79 27.59 10.85
N GLU B 115 31.42 26.93 11.95
CA GLU B 115 31.97 25.62 12.26
C GLU B 115 31.31 24.51 11.45
N VAL B 116 29.99 24.58 11.33
CA VAL B 116 29.25 23.66 10.47
C VAL B 116 29.68 23.81 9.00
N TYR B 117 29.84 25.04 8.55
CA TYR B 117 30.22 25.33 7.16
C TYR B 117 31.63 25.94 7.15
N SER B 118 32.58 25.20 7.70
CA SER B 118 33.99 25.60 7.73
C SER B 118 34.68 25.36 6.40
N THR B 119 34.08 24.52 5.56
CA THR B 119 34.42 24.45 4.14
C THR B 119 33.10 24.66 3.36
N PRO B 120 33.20 25.13 2.11
CA PRO B 120 31.98 25.49 1.39
C PRO B 120 30.95 24.35 1.26
N ALA B 121 29.68 24.70 1.39
CA ALA B 121 28.57 23.76 1.24
C ALA B 121 27.64 24.25 0.14
N ALA B 122 26.82 23.35 -0.40
CA ALA B 122 25.93 23.70 -1.51
C ALA B 122 24.61 22.97 -1.48
N THR B 123 23.58 23.61 -2.04
CA THR B 123 22.34 22.93 -2.39
C THR B 123 21.92 23.37 -3.78
N ILE B 124 21.90 22.44 -4.73
CA ILE B 124 21.42 22.72 -6.07
C ILE B 124 20.00 22.23 -6.21
N SER B 125 19.14 23.15 -6.65
CA SER B 125 17.72 22.89 -6.77
C SER B 125 17.16 23.46 -8.06
N ARG B 126 16.04 22.90 -8.47
CA ARG B 126 15.29 23.41 -9.59
C ARG B 126 14.91 24.87 -9.37
N CYS B 127 14.88 25.62 -10.46
CA CYS B 127 14.48 27.00 -10.47
C CYS B 127 13.58 27.20 -11.68
N GLY B 128 12.27 27.04 -11.46
CA GLY B 128 11.29 27.32 -12.49
C GLY B 128 11.35 28.76 -12.94
N LEU B 129 11.22 28.99 -14.25
CA LEU B 129 11.12 30.33 -14.82
C LEU B 129 9.75 30.54 -15.43
N ASP B 130 9.14 31.68 -15.11
CA ASP B 130 7.87 32.11 -15.67
C ASP B 130 6.79 31.03 -15.57
N SER B 131 6.78 30.35 -14.43
CA SER B 131 6.06 29.10 -14.26
C SER B 131 4.56 29.19 -14.44
N ILE B 132 3.94 30.26 -13.94
CA ILE B 132 2.50 30.40 -14.12
C ILE B 132 2.16 30.55 -15.60
N ALA B 133 2.89 31.42 -16.30
CA ALA B 133 2.63 31.72 -17.72
C ALA B 133 2.96 30.56 -18.67
N VAL B 134 3.96 29.76 -18.34
CA VAL B 134 4.30 28.58 -19.16
C VAL B 134 3.66 27.29 -18.63
N ASP B 135 2.78 27.43 -17.64
CA ASP B 135 2.16 26.30 -16.93
C ASP B 135 3.12 25.16 -16.57
N GLY B 136 4.26 25.54 -16.00
CA GLY B 136 5.22 24.59 -15.46
C GLY B 136 5.79 23.62 -16.49
N ALA B 137 5.92 24.07 -17.74
CA ALA B 137 6.54 23.23 -18.76
C ALA B 137 7.92 22.75 -18.25
N PRO B 138 8.17 21.42 -18.31
CA PRO B 138 9.45 20.93 -17.81
C PRO B 138 10.70 21.62 -18.39
N SER B 139 10.64 22.04 -19.65
CA SER B 139 11.79 22.69 -20.32
C SER B 139 11.87 24.22 -20.10
N ARG B 140 11.20 24.72 -19.07
CA ARG B 140 11.26 26.13 -18.68
C ARG B 140 11.83 26.28 -17.28
N SER B 141 12.54 25.27 -16.81
CA SER B 141 13.27 25.35 -15.54
C SER B 141 14.76 25.39 -15.79
N ILE B 142 15.46 26.19 -14.98
CA ILE B 142 16.90 26.11 -14.86
C ILE B 142 17.23 25.54 -13.47
N ASP B 143 18.47 25.66 -13.04
CA ASP B 143 18.82 25.34 -11.65
C ASP B 143 19.34 26.60 -10.97
N CYS B 144 19.10 26.69 -9.67
CA CYS B 144 19.77 27.66 -8.83
C CYS B 144 20.47 26.92 -7.69
N MET B 145 21.78 27.11 -7.57
CA MET B 145 22.55 26.49 -6.50
C MET B 145 22.88 27.56 -5.48
N LEU B 146 22.51 27.33 -4.22
CA LEU B 146 22.98 28.15 -3.13
C LEU B 146 24.32 27.57 -2.70
N ILE B 147 25.35 28.40 -2.72
CA ILE B 147 26.65 28.05 -2.16
C ILE B 147 26.79 28.83 -0.85
N ILE B 148 27.20 28.11 0.20
CA ILE B 148 27.34 28.64 1.54
C ILE B 148 28.83 28.72 1.89
N ASN B 149 29.31 29.92 2.18
CA ASN B 149 30.67 30.15 2.64
C ASN B 149 31.80 29.74 1.66
N LYS B 150 31.54 29.88 0.36
CA LYS B 150 32.63 29.93 -0.60
C LYS B 150 33.33 31.28 -0.38
N PRO B 151 34.66 31.26 -0.20
CA PRO B 151 35.38 32.51 0.09
C PRO B 151 35.20 33.58 -0.99
N LYS B 152 35.11 34.84 -0.56
CA LYS B 152 35.13 35.99 -1.45
C LYS B 152 35.70 37.16 -0.68
N GLY B 153 36.85 37.64 -1.13
CA GLY B 153 37.53 38.76 -0.47
C GLY B 153 37.78 38.49 1.00
N VAL B 154 37.31 39.39 1.86
CA VAL B 154 37.42 39.25 3.31
C VAL B 154 36.07 39.03 3.99
N ALA B 155 35.08 38.57 3.25
CA ALA B 155 33.79 38.20 3.84
C ALA B 155 33.97 37.03 4.83
N THR B 156 33.33 37.13 6.00
CA THR B 156 33.34 36.07 6.98
C THR B 156 32.30 35.03 6.57
N TYR B 157 31.18 35.49 6.04
CA TYR B 157 30.13 34.64 5.52
C TYR B 157 29.78 35.04 4.10
N THR B 158 29.42 34.06 3.28
CA THR B 158 28.90 34.36 1.96
C THR B 158 27.72 33.45 1.65
N LEU B 159 26.76 34.00 0.90
CA LEU B 159 25.66 33.24 0.34
C LEU B 159 25.66 33.59 -1.12
N THR B 160 25.77 32.57 -1.96
CA THR B 160 25.84 32.74 -3.41
C THR B 160 24.64 32.07 -4.06
N PHE B 161 23.91 32.83 -4.87
CA PHE B 161 22.88 32.28 -5.74
C PHE B 161 23.49 32.12 -7.14
N ARG B 162 23.76 30.88 -7.50
CA ARG B 162 24.41 30.56 -8.78
C ARG B 162 23.38 29.95 -9.70
N PHE B 163 23.10 30.66 -10.79
CA PHE B 163 22.13 30.24 -11.79
C PHE B 163 22.83 29.47 -12.89
N LEU B 164 22.38 28.23 -13.12
CA LEU B 164 23.09 27.24 -13.91
C LEU B 164 22.14 26.47 -14.82
N ASN B 165 22.72 25.85 -15.84
CA ASN B 165 22.00 24.88 -16.68
C ASN B 165 20.86 25.53 -17.45
N PHE B 166 21.16 26.71 -17.99
CA PHE B 166 20.26 27.38 -18.92
C PHE B 166 20.04 26.56 -20.20
N ASN B 167 20.97 25.66 -20.52
CA ASN B 167 20.81 24.77 -21.68
C ASN B 167 19.67 23.74 -21.56
N ARG B 168 19.05 23.64 -20.37
CA ARG B 168 17.82 22.88 -20.18
C ARG B 168 16.61 23.54 -20.85
N LEU B 169 16.69 24.86 -21.10
CA LEU B 169 15.56 25.63 -21.62
C LEU B 169 15.29 25.31 -23.09
N SER B 170 14.02 25.23 -23.45
CA SER B 170 13.62 24.97 -24.84
C SER B 170 13.76 26.20 -25.75
N GLY B 171 13.84 27.39 -25.15
CA GLY B 171 13.99 28.61 -25.92
C GLY B 171 14.15 29.79 -24.98
N GLY B 172 14.12 30.99 -25.56
CA GLY B 172 14.12 32.22 -24.80
C GLY B 172 12.97 32.21 -23.81
N THR B 173 13.27 32.55 -22.55
CA THR B 173 12.31 32.51 -21.47
C THR B 173 12.49 33.75 -20.61
N LEU B 174 11.38 34.32 -20.14
CA LEU B 174 11.46 35.42 -19.18
C LEU B 174 12.14 34.95 -17.89
N PHE B 175 13.13 35.71 -17.44
CA PHE B 175 13.86 35.37 -16.23
C PHE B 175 13.07 35.85 -15.01
N LYS B 176 11.97 35.15 -14.76
CA LYS B 176 11.06 35.45 -13.68
C LYS B 176 10.98 34.17 -12.84
N THR B 177 11.81 34.09 -11.79
CA THR B 177 11.99 32.83 -11.08
C THR B 177 10.83 32.52 -10.16
N ASP B 178 10.69 31.23 -9.91
CA ASP B 178 9.87 30.78 -8.79
C ASP B 178 10.37 31.38 -7.48
N VAL B 179 9.54 31.26 -6.44
CA VAL B 179 9.98 31.44 -5.07
C VAL B 179 10.88 30.24 -4.74
N LEU B 180 12.14 30.53 -4.38
CA LEU B 180 13.13 29.52 -4.08
C LEU B 180 13.36 29.48 -2.58
N THR B 181 13.52 28.28 -2.02
CA THR B 181 13.79 28.11 -0.59
C THR B 181 15.04 27.26 -0.39
N PHE B 182 15.88 27.68 0.56
CA PHE B 182 17.03 26.89 1.01
C PHE B 182 17.06 26.98 2.53
N THR B 183 17.81 26.06 3.15
CA THR B 183 17.95 25.99 4.61
C THR B 183 19.39 25.71 5.02
N TYR B 184 19.82 26.36 6.09
CA TYR B 184 21.11 26.05 6.69
C TYR B 184 21.13 26.28 8.21
N VAL B 185 22.14 25.72 8.86
CA VAL B 185 22.30 25.89 10.30
C VAL B 185 22.80 27.32 10.59
N GLY B 186 22.06 28.02 11.45
CA GLY B 186 22.37 29.39 11.78
C GLY B 186 23.57 29.49 12.71
N GLU B 187 24.25 30.64 12.64
CA GLU B 187 25.39 30.91 13.49
C GLU B 187 24.97 31.13 14.95
N ASN B 188 25.89 30.84 15.86
CA ASN B 188 25.69 31.09 17.28
C ASN B 188 26.03 32.55 17.61
N GLN B 189 25.26 33.16 18.49
CA GLN B 189 25.50 34.55 18.91
C GLN B 189 26.92 34.70 19.47
N ALA C 7 -3.02 -28.17 21.31
CA ALA C 7 -3.34 -27.86 19.88
C ALA C 7 -4.49 -28.75 19.40
N ALA C 8 -5.58 -28.11 19.00
CA ALA C 8 -6.76 -28.83 18.58
C ALA C 8 -7.57 -27.96 17.63
N PRO C 9 -8.41 -28.58 16.80
CA PRO C 9 -9.29 -27.82 15.94
C PRO C 9 -10.47 -27.28 16.72
N ILE C 10 -11.17 -26.31 16.18
CA ILE C 10 -12.30 -25.71 16.86
C ILE C 10 -13.23 -25.10 15.81
N THR C 11 -14.53 -25.24 16.04
CA THR C 11 -15.55 -24.66 15.17
C THR C 11 -16.46 -23.74 15.97
N LEU C 12 -16.65 -22.53 15.47
CA LEU C 12 -17.65 -21.61 15.98
C LEU C 12 -18.73 -21.47 14.91
N TRP C 13 -19.99 -21.42 15.32
CA TRP C 13 -21.06 -21.38 14.35
C TRP C 13 -22.38 -20.91 14.95
N THR C 14 -23.33 -20.67 14.06
CA THR C 14 -24.68 -20.23 14.41
C THR C 14 -25.57 -21.42 14.82
N GLY C 15 -25.13 -22.64 14.49
CA GLY C 15 -25.99 -23.80 14.54
C GLY C 15 -26.84 -23.89 13.28
N PRO C 16 -27.51 -25.03 13.08
CA PRO C 16 -28.43 -25.15 11.95
C PRO C 16 -29.74 -24.38 12.19
N GLY C 17 -30.53 -24.22 11.16
CA GLY C 17 -31.76 -23.41 11.21
C GLY C 17 -31.62 -22.11 11.96
N PRO C 18 -30.71 -21.22 11.50
CA PRO C 18 -30.53 -19.97 12.21
C PRO C 18 -31.80 -19.11 12.18
N SER C 19 -32.00 -18.30 13.21
CA SER C 19 -33.06 -17.31 13.23
C SER C 19 -32.72 -16.19 12.25
N ILE C 20 -33.59 -15.18 12.16
CA ILE C 20 -33.29 -14.03 11.32
C ILE C 20 -32.28 -13.20 12.12
N ASN C 21 -31.00 -13.43 11.84
CA ASN C 21 -29.88 -13.00 12.68
C ASN C 21 -28.93 -12.03 11.98
N GLY C 22 -29.32 -11.58 10.79
CA GLY C 22 -28.55 -10.63 10.03
C GLY C 22 -29.38 -9.36 9.97
N PHE C 23 -28.87 -8.31 10.60
CA PHE C 23 -29.59 -7.06 10.79
C PHE C 23 -29.03 -5.97 9.87
N ILE C 24 -29.92 -5.20 9.27
CA ILE C 24 -29.53 -3.97 8.57
C ILE C 24 -30.38 -2.84 9.15
N ASN C 25 -29.71 -1.80 9.66
CA ASN C 25 -30.36 -0.70 10.36
C ASN C 25 -31.30 -1.20 11.47
N ASP C 26 -30.79 -2.11 12.30
CA ASP C 26 -31.51 -2.65 13.47
C ASP C 26 -32.74 -3.52 13.11
N THR C 27 -32.94 -3.80 11.83
CA THR C 27 -34.03 -4.66 11.36
C THR C 27 -33.49 -6.02 10.97
N PRO C 28 -34.02 -7.10 11.57
CA PRO C 28 -33.61 -8.44 11.11
C PRO C 28 -34.16 -8.77 9.73
N VAL C 29 -33.26 -9.01 8.77
CA VAL C 29 -33.64 -9.19 7.36
C VAL C 29 -33.11 -10.45 6.67
N ILE C 30 -32.05 -11.06 7.20
CA ILE C 30 -31.43 -12.22 6.54
C ILE C 30 -31.15 -13.31 7.56
N ARG C 31 -31.47 -14.55 7.21
CA ARG C 31 -31.04 -15.72 7.99
C ARG C 31 -29.64 -16.14 7.53
N CYS C 32 -28.67 -16.04 8.44
CA CYS C 32 -27.26 -16.28 8.15
C CYS C 32 -26.78 -17.56 8.82
N PHE C 33 -26.47 -18.57 8.03
CA PHE C 33 -25.77 -19.74 8.52
C PHE C 33 -24.28 -19.48 8.36
N ILE C 34 -23.57 -19.38 9.48
CA ILE C 34 -22.13 -19.12 9.48
C ILE C 34 -21.41 -20.20 10.29
N CYS C 35 -20.37 -20.74 9.70
CA CYS C 35 -19.55 -21.73 10.35
C CYS C 35 -18.09 -21.36 10.13
N LEU C 36 -17.34 -21.21 11.22
CA LEU C 36 -15.90 -20.92 11.16
C LEU C 36 -15.19 -22.14 11.73
N THR C 37 -14.53 -22.89 10.86
CA THR C 37 -13.84 -24.11 11.29
C THR C 37 -12.33 -23.95 11.18
N ARG C 38 -11.67 -23.96 12.33
CA ARG C 38 -10.22 -23.94 12.42
C ARG C 38 -9.69 -25.39 12.47
N ASP C 39 -8.84 -25.71 11.51
CA ASP C 39 -8.13 -26.99 11.57
C ASP C 39 -6.72 -26.68 12.07
N SER C 40 -5.66 -27.21 11.48
CA SER C 40 -4.34 -27.03 12.08
C SER C 40 -3.87 -25.55 12.02
N ASN C 41 -4.10 -24.89 10.90
CA ASN C 41 -3.56 -23.56 10.65
C ASN C 41 -4.55 -22.57 10.03
N LEU C 42 -5.37 -23.08 9.11
CA LEU C 42 -6.31 -22.24 8.40
C LEU C 42 -7.70 -22.37 8.97
N VAL C 43 -8.48 -21.33 8.75
CA VAL C 43 -9.88 -21.28 9.12
C VAL C 43 -10.65 -21.31 7.82
N THR C 44 -11.62 -22.20 7.75
CA THR C 44 -12.55 -22.26 6.64
C THR C 44 -13.85 -21.62 7.07
N VAL C 45 -14.29 -20.65 6.28
CA VAL C 45 -15.60 -20.03 6.43
C VAL C 45 -16.54 -20.79 5.52
N ASN C 46 -17.59 -21.35 6.11
CA ASN C 46 -18.68 -21.97 5.38
C ASN C 46 -19.95 -21.22 5.76
N ALA C 47 -20.63 -20.66 4.76
CA ALA C 47 -21.74 -19.73 5.02
C ALA C 47 -22.82 -19.82 3.95
N SER C 48 -24.06 -19.61 4.36
CA SER C 48 -25.17 -19.48 3.43
C SER C 48 -26.22 -18.55 4.03
N PHE C 49 -26.99 -17.92 3.15
CA PHE C 49 -27.90 -16.83 3.55
C PHE C 49 -29.24 -16.99 2.88
N VAL C 50 -30.30 -16.70 3.65
CA VAL C 50 -31.67 -16.69 3.15
C VAL C 50 -32.34 -15.39 3.58
N GLY C 51 -32.70 -14.57 2.59
CA GLY C 51 -33.35 -13.30 2.84
C GLY C 51 -34.79 -13.47 3.34
N GLU C 52 -35.19 -12.58 4.23
CA GLU C 52 -36.57 -12.51 4.69
C GLU C 52 -37.12 -11.12 4.51
N GLY C 53 -38.45 -10.99 4.62
CA GLY C 53 -39.11 -9.70 4.49
C GLY C 53 -38.83 -9.05 3.15
N GLY C 54 -38.35 -7.81 3.19
CA GLY C 54 -37.98 -7.08 1.99
C GLY C 54 -36.76 -7.60 1.26
N TYR C 55 -36.02 -8.51 1.89
CA TYR C 55 -34.87 -9.16 1.28
C TYR C 55 -35.16 -10.60 0.83
N ARG C 56 -36.40 -11.04 0.94
CA ARG C 56 -36.75 -12.39 0.54
C ARG C 56 -36.50 -12.58 -0.95
N ILE C 57 -36.91 -11.57 -1.72
CA ILE C 57 -36.63 -11.47 -3.14
C ILE C 57 -35.79 -10.21 -3.36
N VAL C 58 -34.68 -10.33 -4.09
CA VAL C 58 -33.86 -9.18 -4.44
C VAL C 58 -33.96 -8.89 -5.95
N SER C 59 -33.89 -7.60 -6.29
CA SER C 59 -34.02 -7.12 -7.67
CA SER C 59 -33.99 -7.21 -7.69
C SER C 59 -32.68 -6.59 -8.16
N PRO C 60 -32.51 -6.44 -9.50
CA PRO C 60 -31.24 -5.90 -9.99
C PRO C 60 -30.91 -4.48 -9.49
N THR C 61 -31.91 -3.74 -9.02
CA THR C 61 -31.68 -2.41 -8.44
C THR C 61 -31.31 -2.45 -6.96
N GLN C 62 -31.15 -3.64 -6.38
CA GLN C 62 -30.78 -3.79 -4.98
C GLN C 62 -29.44 -3.11 -4.68
N SER C 63 -29.44 -2.28 -3.64
CA SER C 63 -28.22 -1.64 -3.17
CA SER C 63 -28.20 -1.64 -3.17
C SER C 63 -27.30 -2.66 -2.48
N GLN C 64 -26.01 -2.59 -2.78
CA GLN C 64 -25.00 -3.43 -2.11
C GLN C 64 -25.05 -3.22 -0.59
N PHE C 65 -24.67 -4.25 0.17
CA PHE C 65 -24.62 -4.15 1.62
C PHE C 65 -23.62 -5.11 2.22
N SER C 66 -23.14 -4.75 3.41
CA SER C 66 -22.22 -5.56 4.20
C SER C 66 -22.94 -6.14 5.42
N LEU C 67 -22.67 -7.40 5.72
CA LEU C 67 -23.00 -7.98 7.00
C LEU C 67 -21.68 -8.20 7.72
N ILE C 68 -21.44 -7.39 8.75
CA ILE C 68 -20.18 -7.39 9.48
C ILE C 68 -20.31 -8.17 10.79
N MET C 69 -19.38 -9.09 11.00
CA MET C 69 -19.19 -9.73 12.30
C MET C 69 -18.02 -9.06 12.99
N GLU C 70 -18.26 -8.53 14.19
CA GLU C 70 -17.23 -7.91 15.00
C GLU C 70 -16.85 -8.85 16.13
N PHE C 71 -15.55 -9.07 16.31
CA PHE C 71 -15.03 -9.92 17.37
C PHE C 71 -14.06 -9.16 18.26
N ASP C 72 -14.07 -9.48 19.54
CA ASP C 72 -13.08 -8.93 20.48
C ASP C 72 -11.76 -9.70 20.44
N GLN C 73 -10.79 -9.27 21.24
CA GLN C 73 -9.45 -9.85 21.25
C GLN C 73 -9.43 -11.30 21.73
N PHE C 74 -10.46 -11.70 22.47
CA PHE C 74 -10.64 -13.09 22.92
C PHE C 74 -11.28 -13.99 21.86
N GLY C 75 -11.78 -13.40 20.78
CA GLY C 75 -12.46 -14.16 19.74
C GLY C 75 -13.95 -14.33 19.96
N GLN C 76 -14.50 -13.51 20.86
CA GLN C 76 -15.95 -13.51 21.14
C GLN C 76 -16.65 -12.56 20.18
N LEU C 77 -17.81 -12.99 19.69
CA LEU C 77 -18.64 -12.19 18.84
C LEU C 77 -19.26 -11.09 19.68
N MET C 78 -19.10 -9.86 19.22
CA MET C 78 -19.63 -8.68 19.91
C MET C 78 -21.07 -8.41 19.52
N SER C 79 -21.71 -7.48 20.23
CA SER C 79 -23.12 -7.17 20.07
C SER C 79 -23.41 -6.17 18.94
N THR C 80 -22.37 -5.63 18.32
CA THR C 80 -22.48 -4.42 17.50
C THR C 80 -22.50 -4.64 15.97
N GLY C 81 -22.12 -5.82 15.51
CA GLY C 81 -22.11 -6.09 14.07
C GLY C 81 -23.52 -6.30 13.52
N ASN C 82 -23.61 -6.51 12.21
CA ASN C 82 -24.87 -6.90 11.58
C ASN C 82 -25.26 -8.32 12.00
N ILE C 83 -24.25 -9.16 12.21
CA ILE C 83 -24.42 -10.49 12.81
C ILE C 83 -23.73 -10.38 14.15
N ASN C 84 -24.46 -10.65 15.23
CA ASN C 84 -23.97 -10.32 16.56
C ASN C 84 -24.42 -11.31 17.64
N SER C 85 -23.92 -11.09 18.85
CA SER C 85 -24.12 -11.97 20.00
C SER C 85 -25.54 -11.97 20.56
N THR C 86 -26.44 -11.18 20.00
CA THR C 86 -27.85 -11.22 20.45
C THR C 86 -28.58 -12.47 19.96
N THR C 87 -28.02 -13.12 18.93
CA THR C 87 -28.57 -14.38 18.43
C THR C 87 -27.58 -15.52 18.67
N THR C 88 -28.00 -16.75 18.36
CA THR C 88 -27.19 -17.90 18.80
C THR C 88 -25.86 -18.02 18.05
N TRP C 89 -24.82 -18.26 18.84
CA TRP C 89 -23.46 -18.29 18.34
C TRP C 89 -22.61 -18.95 19.42
N GLY C 90 -21.74 -19.85 19.01
CA GLY C 90 -20.83 -20.50 19.94
C GLY C 90 -20.14 -21.67 19.31
N GLU C 91 -19.58 -22.53 20.16
CA GLU C 91 -18.77 -23.64 19.70
C GLU C 91 -19.63 -24.83 19.32
N LYS C 92 -19.30 -25.48 18.20
CA LYS C 92 -19.88 -26.76 17.82
C LYS C 92 -19.05 -27.90 18.41
N PRO C 93 -19.64 -28.70 19.32
CA PRO C 93 -18.93 -29.90 19.75
C PRO C 93 -18.83 -30.93 18.63
N TRP C 94 -17.69 -31.60 18.55
CA TRP C 94 -17.55 -32.71 17.64
C TRP C 94 -18.58 -33.77 18.04
N GLY C 95 -19.35 -34.26 17.07
CA GLY C 95 -20.33 -35.32 17.34
C GLY C 95 -21.77 -34.91 17.51
N ASN C 96 -22.05 -33.61 17.61
CA ASN C 96 -23.45 -33.16 17.65
C ASN C 96 -23.64 -31.77 17.03
N ASN C 97 -24.89 -31.36 16.88
CA ASN C 97 -25.21 -30.08 16.24
C ASN C 97 -25.63 -28.96 17.19
N THR C 98 -25.15 -29.03 18.44
CA THR C 98 -25.46 -28.04 19.45
C THR C 98 -24.56 -26.81 19.29
N VAL C 99 -24.90 -25.75 20.01
CA VAL C 99 -24.10 -24.52 20.07
C VAL C 99 -23.76 -24.28 21.53
N GLN C 100 -22.47 -24.32 21.83
CA GLN C 100 -21.97 -24.13 23.20
C GLN C 100 -21.59 -22.67 23.38
N PRO C 101 -22.41 -21.92 24.16
CA PRO C 101 -22.19 -20.49 24.27
C PRO C 101 -21.05 -20.05 25.19
N ARG C 102 -20.56 -20.95 26.05
CA ARG C 102 -19.52 -20.59 27.03
C ARG C 102 -18.17 -20.41 26.32
N PRO C 103 -17.55 -19.22 26.44
CA PRO C 103 -16.30 -19.03 25.70
C PRO C 103 -15.14 -19.88 26.20
N SER C 104 -14.13 -20.03 25.35
CA SER C 104 -12.93 -20.77 25.70
C SER C 104 -11.71 -20.04 25.15
N HIS C 105 -10.55 -20.33 25.71
CA HIS C 105 -9.26 -19.81 25.23
CA HIS C 105 -9.30 -19.74 25.21
C HIS C 105 -8.97 -20.22 23.78
N THR C 106 -9.63 -21.29 23.32
CA THR C 106 -9.48 -21.79 21.95
C THR C 106 -10.24 -20.96 20.90
N TRP C 107 -11.21 -20.17 21.33
CA TRP C 107 -12.04 -19.41 20.38
C TRP C 107 -11.22 -18.42 19.52
N LYS C 108 -10.15 -17.88 20.10
CA LYS C 108 -9.24 -16.97 19.38
C LYS C 108 -8.65 -17.61 18.11
N LEU C 109 -8.53 -18.93 18.10
CA LEU C 109 -7.95 -19.69 16.97
C LEU C 109 -8.80 -19.60 15.70
N CYS C 110 -10.08 -19.30 15.84
CA CYS C 110 -10.94 -19.08 14.67
C CYS C 110 -10.81 -17.69 14.05
N MET C 111 -10.03 -16.81 14.69
CA MET C 111 -9.94 -15.42 14.28
C MET C 111 -8.88 -15.23 13.20
N PRO C 112 -9.07 -14.23 12.32
CA PRO C 112 -8.05 -13.91 11.29
C PRO C 112 -6.75 -13.35 11.87
N ASN C 113 -5.68 -14.11 11.70
CA ASN C 113 -4.35 -13.76 12.20
C ASN C 113 -4.04 -12.26 12.04
N ARG C 114 -3.79 -11.59 13.15
CA ARG C 114 -3.68 -10.13 13.17
C ARG C 114 -2.39 -9.62 12.50
N GLU C 115 -1.34 -10.43 12.54
CA GLU C 115 -0.07 -10.12 11.87
C GLU C 115 -0.13 -10.40 10.36
N VAL C 116 -0.77 -11.50 9.98
CA VAL C 116 -0.96 -11.77 8.56
C VAL C 116 -1.92 -10.72 7.96
N TYR C 117 -3.00 -10.42 8.67
CA TYR C 117 -3.99 -9.44 8.22
C TYR C 117 -3.92 -8.16 9.06
N SER C 118 -2.75 -7.53 9.05
CA SER C 118 -2.53 -6.25 9.72
C SER C 118 -3.10 -5.09 8.89
N THR C 119 -3.35 -5.34 7.61
CA THR C 119 -4.22 -4.48 6.80
C THR C 119 -5.33 -5.35 6.19
N PRO C 120 -6.46 -4.75 5.80
CA PRO C 120 -7.58 -5.59 5.37
C PRO C 120 -7.28 -6.45 4.13
N ALA C 121 -7.80 -7.67 4.14
CA ALA C 121 -7.69 -8.59 3.02
C ALA C 121 -9.08 -8.89 2.50
N ALA C 122 -9.17 -9.37 1.27
CA ALA C 122 -10.46 -9.66 0.66
C ALA C 122 -10.41 -10.85 -0.29
N THR C 123 -11.57 -11.48 -0.45
CA THR C 123 -11.80 -12.50 -1.49
C THR C 123 -13.19 -12.24 -2.06
N ILE C 124 -13.25 -11.79 -3.31
CA ILE C 124 -14.53 -11.64 -4.00
C ILE C 124 -14.81 -12.88 -4.85
N SER C 125 -15.96 -13.47 -4.61
CA SER C 125 -16.35 -14.70 -5.27
C SER C 125 -17.78 -14.61 -5.77
N ARG C 126 -18.08 -15.45 -6.76
CA ARG C 126 -19.44 -15.64 -7.24
C ARG C 126 -20.34 -16.17 -6.12
N CYS C 127 -21.58 -15.72 -6.14
CA CYS C 127 -22.58 -16.10 -5.16
C CYS C 127 -23.87 -16.37 -5.93
N GLY C 128 -24.08 -17.64 -6.30
CA GLY C 128 -25.28 -18.05 -6.99
C GLY C 128 -26.47 -17.85 -6.08
N LEU C 129 -27.57 -17.37 -6.65
CA LEU C 129 -28.86 -17.26 -5.94
C LEU C 129 -29.86 -18.24 -6.53
N ASP C 130 -30.54 -18.97 -5.64
CA ASP C 130 -31.62 -19.87 -6.02
C ASP C 130 -31.20 -20.84 -7.12
N SER C 131 -29.98 -21.34 -6.99
CA SER C 131 -29.26 -22.01 -8.05
C SER C 131 -29.94 -23.29 -8.53
N ILE C 132 -30.51 -24.04 -7.60
CA ILE C 132 -31.19 -25.29 -7.96
C ILE C 132 -32.41 -24.96 -8.81
N ALA C 133 -33.26 -24.06 -8.31
CA ALA C 133 -34.50 -23.68 -8.99
C ALA C 133 -34.28 -23.04 -10.37
N VAL C 134 -33.29 -22.16 -10.48
CA VAL C 134 -32.97 -21.50 -11.76
C VAL C 134 -31.96 -22.29 -12.61
N ASP C 135 -31.60 -23.49 -12.14
CA ASP C 135 -30.61 -24.37 -12.78
C ASP C 135 -29.32 -23.68 -13.19
N GLY C 136 -28.78 -22.86 -12.29
CA GLY C 136 -27.47 -22.25 -12.46
C GLY C 136 -27.38 -21.23 -13.58
N ALA C 137 -28.52 -20.62 -13.94
CA ALA C 137 -28.56 -19.59 -14.96
C ALA C 137 -27.46 -18.58 -14.66
N PRO C 138 -26.56 -18.35 -15.63
CA PRO C 138 -25.47 -17.40 -15.39
C PRO C 138 -25.91 -16.04 -14.83
N SER C 139 -27.08 -15.55 -15.23
CA SER C 139 -27.58 -14.23 -14.82
C SER C 139 -28.35 -14.26 -13.48
N ARG C 140 -28.19 -15.31 -12.69
CA ARG C 140 -28.79 -15.37 -11.35
C ARG C 140 -27.72 -15.44 -10.26
N SER C 141 -26.50 -15.00 -10.60
CA SER C 141 -25.43 -14.87 -9.62
C SER C 141 -25.17 -13.41 -9.28
N ILE C 142 -24.80 -13.18 -8.04
CA ILE C 142 -24.25 -11.89 -7.64
C ILE C 142 -22.82 -12.21 -7.18
N ASP C 143 -22.17 -11.26 -6.53
CA ASP C 143 -20.90 -11.50 -5.89
C ASP C 143 -21.07 -11.35 -4.38
N CYS C 144 -20.31 -12.14 -3.65
CA CYS C 144 -20.12 -11.92 -2.21
C CYS C 144 -18.62 -11.83 -1.95
N MET C 145 -18.20 -10.71 -1.37
CA MET C 145 -16.81 -10.46 -1.02
C MET C 145 -16.66 -10.63 0.47
N LEU C 146 -15.78 -11.53 0.88
CA LEU C 146 -15.34 -11.58 2.26
C LEU C 146 -14.26 -10.53 2.44
N ILE C 147 -14.45 -9.65 3.41
CA ILE C 147 -13.41 -8.73 3.83
C ILE C 147 -12.95 -9.10 5.23
N ILE C 148 -11.63 -9.18 5.38
CA ILE C 148 -10.98 -9.64 6.60
C ILE C 148 -10.29 -8.45 7.30
N ASN C 149 -10.69 -8.19 8.53
CA ASN C 149 -10.11 -7.14 9.39
C ASN C 149 -10.14 -5.72 8.83
N LYS C 150 -11.20 -5.39 8.10
CA LYS C 150 -11.52 -3.98 7.86
C LYS C 150 -11.98 -3.39 9.18
N PRO C 151 -11.39 -2.26 9.61
CA PRO C 151 -11.77 -1.73 10.92
C PRO C 151 -13.26 -1.44 11.06
N LYS C 152 -13.82 -1.80 12.22
CA LYS C 152 -15.17 -1.37 12.56
C LYS C 152 -15.25 -1.20 14.06
N GLY C 153 -15.68 -0.02 14.49
CA GLY C 153 -15.85 0.29 15.91
C GLY C 153 -14.58 -0.04 16.65
N VAL C 154 -14.71 -0.73 17.78
CA VAL C 154 -13.55 -1.14 18.58
C VAL C 154 -13.22 -2.64 18.43
N ALA C 155 -13.79 -3.28 17.41
CA ALA C 155 -13.53 -4.70 17.15
C ALA C 155 -12.05 -4.96 16.90
N THR C 156 -11.52 -6.05 17.46
CA THR C 156 -10.14 -6.46 17.21
C THR C 156 -10.04 -7.22 15.91
N TYR C 157 -11.07 -8.03 15.63
CA TYR C 157 -11.18 -8.77 14.38
C TYR C 157 -12.53 -8.52 13.75
N THR C 158 -12.56 -8.48 12.42
CA THR C 158 -13.84 -8.40 11.72
C THR C 158 -13.86 -9.35 10.53
N LEU C 159 -15.04 -9.89 10.26
CA LEU C 159 -15.35 -10.60 9.04
C LEU C 159 -16.58 -9.95 8.44
N THR C 160 -16.44 -9.46 7.22
CA THR C 160 -17.53 -8.80 6.53
C THR C 160 -17.94 -9.60 5.31
N PHE C 161 -19.23 -9.92 5.21
CA PHE C 161 -19.81 -10.49 4.01
C PHE C 161 -20.46 -9.37 3.21
N ARG C 162 -19.85 -8.99 2.10
CA ARG C 162 -20.34 -7.87 1.31
C ARG C 162 -20.95 -8.39 0.00
N PHE C 163 -22.25 -8.16 -0.14
CA PHE C 163 -22.99 -8.60 -1.31
C PHE C 163 -23.06 -7.46 -2.30
N LEU C 164 -22.63 -7.75 -3.53
CA LEU C 164 -22.31 -6.73 -4.52
C LEU C 164 -22.83 -7.16 -5.89
N ASN C 165 -22.95 -6.19 -6.79
CA ASN C 165 -23.23 -6.45 -8.20
C ASN C 165 -24.57 -7.14 -8.44
N PHE C 166 -25.58 -6.70 -7.68
CA PHE C 166 -26.95 -7.14 -7.88
C PHE C 166 -27.47 -6.78 -9.26
N ASN C 167 -26.93 -5.70 -9.85
CA ASN C 167 -27.35 -5.23 -11.17
C ASN C 167 -27.06 -6.21 -12.30
N ARG C 168 -26.25 -7.22 -12.01
CA ARG C 168 -25.95 -8.30 -12.94
C ARG C 168 -27.06 -9.35 -12.98
N LEU C 169 -27.99 -9.30 -12.03
CA LEU C 169 -29.17 -10.19 -12.06
C LEU C 169 -30.11 -9.80 -13.21
N SER C 170 -30.72 -10.81 -13.84
CA SER C 170 -31.62 -10.58 -14.97
C SER C 170 -33.03 -10.16 -14.53
N GLY C 171 -33.35 -10.37 -13.26
CA GLY C 171 -34.61 -9.91 -12.71
C GLY C 171 -34.73 -10.30 -11.25
N GLY C 172 -35.95 -10.18 -10.72
CA GLY C 172 -36.24 -10.55 -9.33
C GLY C 172 -35.88 -11.99 -9.05
N THR C 173 -35.14 -12.19 -7.96
CA THR C 173 -34.58 -13.49 -7.62
C THR C 173 -34.66 -13.71 -6.13
N LEU C 174 -35.05 -14.91 -5.74
CA LEU C 174 -35.06 -15.29 -4.33
C LEU C 174 -33.65 -15.24 -3.75
N PHE C 175 -33.49 -14.50 -2.65
CA PHE C 175 -32.17 -14.32 -2.03
C PHE C 175 -31.86 -15.55 -1.17
N LYS C 176 -31.58 -16.63 -1.88
CA LYS C 176 -31.28 -17.92 -1.32
C LYS C 176 -29.91 -18.28 -1.88
N THR C 177 -28.86 -17.94 -1.13
CA THR C 177 -27.51 -18.10 -1.65
C THR C 177 -27.05 -19.55 -1.70
N ASP C 178 -26.06 -19.75 -2.55
CA ASP C 178 -25.26 -20.97 -2.51
C ASP C 178 -24.53 -21.11 -1.18
N VAL C 179 -23.98 -22.30 -0.94
CA VAL C 179 -23.00 -22.47 0.13
C VAL C 179 -21.71 -21.80 -0.32
N LEU C 180 -21.25 -20.84 0.48
CA LEU C 180 -20.05 -20.06 0.16
C LEU C 180 -18.92 -20.54 1.05
N THR C 181 -17.72 -20.58 0.49
CA THR C 181 -16.54 -20.99 1.23
C THR C 181 -15.44 -19.94 1.01
N PHE C 182 -14.79 -19.57 2.11
CA PHE C 182 -13.58 -18.74 2.10
C PHE C 182 -12.58 -19.33 3.08
N THR C 183 -11.33 -18.92 2.93
CA THR C 183 -10.22 -19.43 3.74
C THR C 183 -9.28 -18.30 4.18
N TYR C 184 -8.82 -18.37 5.43
CA TYR C 184 -7.80 -17.45 5.93
C TYR C 184 -6.93 -18.10 6.99
N VAL C 185 -5.78 -17.48 7.23
CA VAL C 185 -4.86 -17.94 8.26
C VAL C 185 -5.40 -17.60 9.65
N GLY C 186 -5.49 -18.63 10.49
CA GLY C 186 -5.98 -18.52 11.85
C GLY C 186 -5.01 -17.82 12.78
N GLU C 187 -5.56 -17.20 13.82
CA GLU C 187 -4.76 -16.52 14.83
C GLU C 187 -4.01 -17.55 15.68
N ASN C 188 -2.92 -17.13 16.32
CA ASN C 188 -2.21 -18.00 17.25
C ASN C 188 -2.78 -17.92 18.65
N GLN C 189 -2.75 -19.04 19.37
CA GLN C 189 -3.28 -19.13 20.73
C GLN C 189 -2.69 -18.04 21.64
N PRO D 6 1.90 26.33 24.21
CA PRO D 6 3.04 27.22 23.94
C PRO D 6 4.25 26.42 23.45
N ALA D 7 4.72 26.79 22.25
CA ALA D 7 5.75 26.04 21.54
C ALA D 7 7.04 25.94 22.35
N ALA D 8 7.81 24.89 22.09
CA ALA D 8 9.10 24.67 22.75
C ALA D 8 10.05 24.10 21.69
N PRO D 9 10.99 24.92 21.21
CA PRO D 9 11.89 24.39 20.18
C PRO D 9 13.01 23.52 20.75
N ILE D 10 13.48 22.59 19.93
CA ILE D 10 14.57 21.74 20.33
C ILE D 10 15.27 21.19 19.11
N THR D 11 16.59 21.12 19.20
CA THR D 11 17.40 20.54 18.15
C THR D 11 18.20 19.34 18.68
N LEU D 12 18.07 18.21 17.98
CA LEU D 12 18.88 17.03 18.18
C LEU D 12 19.78 16.88 16.96
N TRP D 13 21.05 16.54 17.17
CA TRP D 13 21.99 16.47 16.07
C TRP D 13 23.25 15.67 16.41
N THR D 14 24.05 15.45 15.36
CA THR D 14 25.34 14.73 15.44
C THR D 14 26.48 15.65 15.86
N GLY D 15 26.25 16.96 15.79
CA GLY D 15 27.28 17.96 15.93
C GLY D 15 28.03 18.14 14.61
N PRO D 16 28.90 19.15 14.55
CA PRO D 16 29.71 19.30 13.34
C PRO D 16 30.85 18.29 13.30
N GLY D 17 31.50 18.19 12.16
CA GLY D 17 32.50 17.14 11.88
C GLY D 17 32.20 15.76 12.42
N PRO D 18 31.11 15.12 11.95
CA PRO D 18 30.81 13.79 12.45
C PRO D 18 31.86 12.76 12.07
N SER D 19 32.01 11.76 12.93
CA SER D 19 32.82 10.59 12.65
C SER D 19 32.18 9.80 11.51
N ILE D 20 32.82 8.70 11.12
CA ILE D 20 32.21 7.79 10.17
C ILE D 20 31.16 7.01 10.96
N ASN D 21 29.93 7.50 10.89
CA ASN D 21 28.86 7.10 11.77
C ASN D 21 27.66 6.49 11.04
N GLY D 22 27.80 6.28 9.74
CA GLY D 22 26.80 5.60 8.93
C GLY D 22 27.39 4.24 8.62
N PHE D 23 26.75 3.21 9.17
CA PHE D 23 27.20 1.83 9.05
C PHE D 23 26.34 1.07 8.04
N ILE D 24 26.99 0.30 7.18
CA ILE D 24 26.30 -0.68 6.35
C ILE D 24 26.95 -2.03 6.64
N ASN D 25 26.13 -3.00 7.10
CA ASN D 25 26.62 -4.32 7.53
C ASN D 25 27.74 -4.22 8.57
N ASP D 26 27.53 -3.38 9.58
CA ASP D 26 28.48 -3.13 10.68
C ASP D 26 29.83 -2.51 10.27
N THR D 27 29.93 -2.02 9.04
CA THR D 27 31.13 -1.37 8.56
C THR D 27 30.86 0.13 8.43
N PRO D 28 31.68 0.97 9.08
CA PRO D 28 31.54 2.42 8.93
C PRO D 28 31.95 2.87 7.53
N VAL D 29 31.00 3.48 6.81
CA VAL D 29 31.24 3.85 5.42
C VAL D 29 30.93 5.32 5.08
N ILE D 30 30.03 5.96 5.83
CA ILE D 30 29.60 7.32 5.52
C ILE D 30 29.61 8.21 6.75
N ARG D 31 30.14 9.42 6.59
CA ARG D 31 30.05 10.46 7.60
C ARG D 31 28.74 11.22 7.41
N CYS D 32 27.87 11.12 8.41
CA CYS D 32 26.51 11.66 8.34
C CYS D 32 26.33 12.84 9.29
N PHE D 33 26.14 14.03 8.72
CA PHE D 33 25.72 15.19 9.49
C PHE D 33 24.21 15.25 9.49
N ILE D 34 23.60 15.07 10.67
CA ILE D 34 22.16 15.06 10.79
CA ILE D 34 22.15 15.03 10.81
C ILE D 34 21.72 16.02 11.88
N CYS D 35 20.78 16.89 11.53
CA CYS D 35 20.22 17.85 12.45
C CYS D 35 18.68 17.80 12.34
N LEU D 36 18.02 17.48 13.46
CA LEU D 36 16.55 17.52 13.55
C LEU D 36 16.17 18.72 14.39
N THR D 37 15.55 19.73 13.77
CA THR D 37 15.17 20.97 14.44
C THR D 37 13.66 21.13 14.50
N ARG D 38 13.13 21.04 15.71
CA ARG D 38 11.73 21.27 15.97
C ARG D 38 11.53 22.72 16.34
N ASP D 39 10.66 23.40 15.60
CA ASP D 39 10.21 24.71 16.01
C ASP D 39 8.78 24.53 16.54
N SER D 40 7.80 25.30 16.11
CA SER D 40 6.50 25.25 16.81
C SER D 40 5.74 23.95 16.53
N ASN D 41 5.66 23.53 15.27
CA ASN D 41 4.86 22.37 14.85
C ASN D 41 5.62 21.37 14.02
N LEU D 42 6.48 21.87 13.14
CA LEU D 42 7.21 21.05 12.18
C LEU D 42 8.64 20.81 12.64
N VAL D 43 9.17 19.68 12.20
CA VAL D 43 10.57 19.35 12.38
C VAL D 43 11.20 19.51 11.00
N THR D 44 12.32 20.23 10.97
CA THR D 44 13.13 20.32 9.77
C THR D 44 14.32 19.38 9.91
N VAL D 45 14.46 18.49 8.93
CA VAL D 45 15.63 17.65 8.81
C VAL D 45 16.64 18.38 7.92
N ASN D 46 17.83 18.63 8.46
CA ASN D 46 18.93 19.20 7.71
C ASN D 46 20.09 18.21 7.78
N ALA D 47 20.52 17.71 6.63
CA ALA D 47 21.49 16.61 6.61
C ALA D 47 22.45 16.73 5.44
N SER D 48 23.65 16.18 5.64
CA SER D 48 24.61 16.04 4.56
C SER D 48 25.51 14.87 4.87
N PHE D 49 26.11 14.32 3.81
CA PHE D 49 26.80 13.03 3.85
C PHE D 49 28.08 13.08 3.05
N VAL D 50 29.10 12.38 3.55
CA VAL D 50 30.37 12.24 2.85
C VAL D 50 30.81 10.78 2.94
N GLY D 51 30.94 10.14 1.78
CA GLY D 51 31.35 8.75 1.73
C GLY D 51 32.83 8.60 2.01
N GLU D 52 33.19 7.46 2.59
CA GLU D 52 34.59 7.12 2.88
C GLU D 52 34.89 5.73 2.35
N GLY D 53 36.17 5.43 2.17
CA GLY D 53 36.58 4.10 1.71
C GLY D 53 35.94 3.74 0.39
N GLY D 54 35.24 2.60 0.35
CA GLY D 54 34.55 2.14 -0.85
C GLY D 54 33.39 3.02 -1.31
N TYR D 55 32.93 3.90 -0.42
CA TYR D 55 31.86 4.85 -0.75
C TYR D 55 32.40 6.26 -0.98
N ARG D 56 33.71 6.46 -0.97
CA ARG D 56 34.27 7.78 -1.24
C ARG D 56 33.85 8.26 -2.62
N ILE D 57 33.93 7.36 -3.60
CA ILE D 57 33.50 7.61 -4.96
CA ILE D 57 33.49 7.63 -4.95
C ILE D 57 32.38 6.64 -5.30
N VAL D 58 31.28 7.16 -5.86
CA VAL D 58 30.19 6.29 -6.29
C VAL D 58 30.02 6.41 -7.79
N SER D 59 29.62 5.31 -8.41
CA SER D 59 29.49 5.28 -9.86
C SER D 59 28.05 4.93 -10.21
N PRO D 60 27.67 5.10 -11.49
CA PRO D 60 26.33 4.74 -11.96
C PRO D 60 25.86 3.32 -11.62
N THR D 61 26.80 2.40 -11.38
CA THR D 61 26.49 1.03 -11.00
C THR D 61 26.25 0.82 -9.50
N GLN D 62 26.38 1.87 -8.70
CA GLN D 62 26.17 1.78 -7.25
C GLN D 62 24.78 1.27 -6.91
N SER D 63 24.74 0.27 -6.02
CA SER D 63 23.47 -0.24 -5.53
CA SER D 63 23.48 -0.26 -5.51
C SER D 63 22.87 0.73 -4.52
N GLN D 64 21.56 0.91 -4.60
CA GLN D 64 20.84 1.74 -3.63
C GLN D 64 21.01 1.23 -2.20
N PHE D 65 20.88 2.14 -1.24
CA PHE D 65 20.99 1.77 0.15
C PHE D 65 20.24 2.74 1.08
N SER D 66 19.84 2.21 2.22
CA SER D 66 19.14 2.96 3.25
C SER D 66 20.02 3.14 4.48
N LEU D 67 20.04 4.35 5.01
CA LEU D 67 20.57 4.61 6.36
C LEU D 67 19.39 4.91 7.29
N ILE D 68 19.10 3.97 8.17
CA ILE D 68 17.94 4.05 9.05
C ILE D 68 18.36 4.51 10.45
N MET D 69 17.64 5.50 10.97
CA MET D 69 17.77 5.93 12.36
C MET D 69 16.57 5.38 13.10
N GLU D 70 16.81 4.60 14.15
CA GLU D 70 15.74 4.03 15.00
C GLU D 70 15.68 4.81 16.32
N PHE D 71 14.47 5.25 16.69
CA PHE D 71 14.25 5.93 17.96
C PHE D 71 13.20 5.18 18.78
N ASP D 72 13.35 5.21 20.09
CA ASP D 72 12.35 4.62 20.99
C ASP D 72 11.18 5.60 21.25
N GLN D 73 10.22 5.20 22.08
CA GLN D 73 9.02 6.00 22.37
C GLN D 73 9.30 7.38 23.01
N PHE D 74 10.51 7.56 23.53
CA PHE D 74 10.93 8.81 24.15
C PHE D 74 11.77 9.70 23.22
N GLY D 75 11.93 9.27 21.97
CA GLY D 75 12.75 9.99 21.01
C GLY D 75 14.24 9.86 21.21
N GLN D 76 14.64 8.80 21.93
CA GLN D 76 16.06 8.50 22.14
C GLN D 76 16.56 7.59 21.01
N LEU D 77 17.64 7.99 20.36
CA LEU D 77 18.24 7.19 19.32
C LEU D 77 18.69 5.83 19.86
N MET D 78 18.29 4.76 19.19
CA MET D 78 18.62 3.40 19.57
C MET D 78 19.95 2.96 18.93
N SER D 79 20.49 1.83 19.40
CA SER D 79 21.81 1.34 18.98
C SER D 79 21.81 0.54 17.67
N THR D 80 20.62 0.29 17.12
CA THR D 80 20.43 -0.74 16.10
C THR D 80 20.28 -0.26 14.64
N GLY D 81 20.16 1.05 14.41
CA GLY D 81 20.07 1.57 13.04
C GLY D 81 21.44 1.67 12.36
N ASN D 82 21.43 2.06 11.09
CA ASN D 82 22.67 2.35 10.37
C ASN D 82 23.37 3.57 10.96
N ILE D 83 22.57 4.48 11.51
CA ILE D 83 23.04 5.64 12.25
C ILE D 83 22.44 5.47 13.64
N ASN D 84 23.29 5.39 14.64
CA ASN D 84 22.86 4.93 15.95
C ASN D 84 23.61 5.57 17.10
N SER D 85 23.21 5.21 18.31
CA SER D 85 23.72 5.84 19.53
C SER D 85 25.13 5.42 19.95
N THR D 86 25.83 4.64 19.13
CA THR D 86 27.24 4.34 19.39
C THR D 86 28.14 5.51 18.99
N THR D 87 27.60 6.44 18.20
CA THR D 87 28.31 7.66 17.84
C THR D 87 27.60 8.89 18.42
N THR D 88 28.27 10.04 18.29
CA THR D 88 27.81 11.31 18.86
C THR D 88 26.40 11.71 18.39
N TRP D 89 25.54 11.96 19.36
CA TRP D 89 24.16 12.32 19.12
C TRP D 89 23.60 12.92 20.41
N GLY D 90 22.86 14.02 20.28
CA GLY D 90 22.27 14.65 21.45
C GLY D 90 21.76 16.03 21.11
N GLU D 91 21.48 16.80 22.16
CA GLU D 91 20.84 18.10 22.01
C GLU D 91 21.86 19.18 21.68
N LYS D 92 21.51 20.05 20.73
CA LYS D 92 22.28 21.26 20.45
C LYS D 92 21.78 22.42 21.32
N PRO D 93 22.63 22.93 22.23
CA PRO D 93 22.26 24.14 22.94
C PRO D 93 22.23 25.36 22.04
N TRP D 94 21.26 26.23 22.26
CA TRP D 94 21.26 27.53 21.59
C TRP D 94 22.50 28.28 22.03
N GLY D 95 23.31 28.70 21.06
CA GLY D 95 24.48 29.51 21.36
C GLY D 95 25.83 28.83 21.26
N ASN D 96 25.87 27.51 21.15
CA ASN D 96 27.13 26.83 20.82
C ASN D 96 26.92 25.57 19.97
N ASN D 97 28.02 24.93 19.61
CA ASN D 97 27.98 23.74 18.75
C ASN D 97 28.25 22.44 19.48
N THR D 98 27.98 22.39 20.79
CA THR D 98 28.16 21.15 21.55
C THR D 98 27.03 20.15 21.29
N VAL D 99 27.20 18.94 21.79
CA VAL D 99 26.19 17.88 21.72
C VAL D 99 25.99 17.39 23.16
N GLN D 100 24.80 17.62 23.70
CA GLN D 100 24.53 17.33 25.10
C GLN D 100 23.75 16.02 25.19
N PRO D 101 24.33 14.99 25.84
CA PRO D 101 23.75 13.65 25.79
C PRO D 101 22.61 13.36 26.78
N ARG D 102 22.35 14.24 27.73
CA ARG D 102 21.30 14.04 28.74
C ARG D 102 19.88 14.06 28.13
N PRO D 103 19.18 12.90 28.10
CA PRO D 103 17.83 12.89 27.52
C PRO D 103 16.82 13.68 28.35
N SER D 104 15.83 14.25 27.66
CA SER D 104 14.76 15.01 28.27
C SER D 104 13.42 14.60 27.66
N HIS D 105 12.32 14.91 28.36
CA HIS D 105 10.98 14.77 27.78
C HIS D 105 10.80 15.56 26.48
N THR D 106 11.63 16.60 26.28
CA THR D 106 11.53 17.40 25.06
C THR D 106 12.00 16.67 23.79
N TRP D 107 12.80 15.61 23.94
CA TRP D 107 13.38 14.91 22.78
C TRP D 107 12.30 14.29 21.89
N LYS D 108 11.19 13.88 22.50
CA LYS D 108 10.03 13.36 21.76
C LYS D 108 9.50 14.35 20.72
N LEU D 109 9.70 15.65 20.94
CA LEU D 109 9.18 16.69 20.05
C LEU D 109 9.84 16.71 18.66
N CYS D 110 11.01 16.08 18.54
CA CYS D 110 11.72 15.96 17.26
C CYS D 110 11.26 14.77 16.42
N MET D 111 10.41 13.91 17.01
CA MET D 111 9.96 12.69 16.35
C MET D 111 8.81 12.95 15.38
N PRO D 112 8.69 12.10 14.35
CA PRO D 112 7.55 12.19 13.43
C PRO D 112 6.24 11.77 14.08
N ASN D 113 5.31 12.71 14.16
CA ASN D 113 3.98 12.49 14.74
C ASN D 113 3.40 11.13 14.34
N ARG D 114 3.16 10.25 15.32
CA ARG D 114 2.72 8.86 15.04
C ARG D 114 1.31 8.76 14.47
N GLU D 115 0.43 9.70 14.81
CA GLU D 115 -0.92 9.72 14.25
C GLU D 115 -0.92 10.27 12.83
N VAL D 116 -0.12 11.28 12.56
CA VAL D 116 0.00 11.80 11.20
C VAL D 116 0.66 10.77 10.28
N TYR D 117 1.73 10.14 10.77
CA TYR D 117 2.48 9.13 10.02
C TYR D 117 2.22 7.75 10.63
N SER D 118 0.96 7.32 10.59
CA SER D 118 0.55 6.02 11.12
C SER D 118 0.80 4.93 10.08
N THR D 119 1.00 5.34 8.83
CA THR D 119 1.60 4.49 7.83
C THR D 119 2.77 5.28 7.25
N PRO D 120 3.75 4.58 6.64
CA PRO D 120 4.98 5.26 6.22
C PRO D 120 4.77 6.38 5.19
N ALA D 121 5.48 7.48 5.37
CA ALA D 121 5.44 8.61 4.46
C ALA D 121 6.80 8.75 3.80
N ALA D 122 6.87 9.43 2.66
CA ALA D 122 8.13 9.58 1.96
C ALA D 122 8.21 10.92 1.26
N THR D 123 9.44 11.40 1.08
CA THR D 123 9.74 12.56 0.23
C THR D 123 11.02 12.22 -0.55
N ILE D 124 10.92 12.09 -1.87
CA ILE D 124 12.10 11.84 -2.71
C ILE D 124 12.50 13.17 -3.32
N SER D 125 13.76 13.53 -3.10
CA SER D 125 14.29 14.80 -3.57
C SER D 125 15.64 14.63 -4.21
N ARG D 126 16.01 15.59 -5.04
CA ARG D 126 17.32 15.64 -5.65
C ARG D 126 18.40 15.67 -4.57
N CYS D 127 19.51 15.01 -4.86
CA CYS D 127 20.68 15.00 -4.00
C CYS D 127 21.92 15.23 -4.85
N GLY D 128 22.30 16.50 -5.00
CA GLY D 128 23.51 16.85 -5.72
C GLY D 128 24.72 16.27 -5.04
N LEU D 129 25.69 15.82 -5.85
CA LEU D 129 26.95 15.29 -5.38
C LEU D 129 28.08 16.15 -5.93
N ASP D 130 29.02 16.51 -5.05
CA ASP D 130 30.22 17.28 -5.40
C ASP D 130 29.85 18.52 -6.22
N SER D 131 28.78 19.19 -5.82
CA SER D 131 28.10 20.18 -6.67
C SER D 131 28.95 21.40 -6.98
N ILE D 132 29.75 21.87 -6.03
CA ILE D 132 30.58 23.05 -6.29
C ILE D 132 31.65 22.70 -7.33
N ALA D 133 32.32 21.57 -7.14
CA ALA D 133 33.44 21.12 -8.01
C ALA D 133 33.00 20.79 -9.43
N VAL D 134 31.83 20.17 -9.58
CA VAL D 134 31.28 19.84 -10.90
C VAL D 134 30.39 20.95 -11.49
N ASP D 135 30.37 22.10 -10.82
CA ASP D 135 29.49 23.22 -11.14
C ASP D 135 28.03 22.85 -11.43
N GLY D 136 27.46 21.98 -10.58
CA GLY D 136 26.06 21.62 -10.67
C GLY D 136 25.62 20.93 -11.95
N ALA D 137 26.52 20.19 -12.60
CA ALA D 137 26.16 19.45 -13.81
C ALA D 137 24.94 18.57 -13.51
N PRO D 138 23.91 18.60 -14.38
CA PRO D 138 22.71 17.83 -14.09
C PRO D 138 22.95 16.33 -13.89
N SER D 139 23.98 15.78 -14.51
CA SER D 139 24.31 14.35 -14.37
C SER D 139 25.22 14.01 -13.18
N ARG D 140 25.30 14.90 -12.21
CA ARG D 140 26.04 14.66 -10.98
C ARG D 140 25.12 14.67 -9.75
N SER D 141 23.81 14.52 -9.99
CA SER D 141 22.84 14.37 -8.91
C SER D 141 22.33 12.94 -8.84
N ILE D 142 22.11 12.47 -7.61
CA ILE D 142 21.32 11.26 -7.37
C ILE D 142 20.02 11.71 -6.70
N ASP D 143 19.26 10.76 -6.17
CA ASP D 143 18.13 11.09 -5.31
C ASP D 143 18.39 10.62 -3.88
N CYS D 144 17.80 11.33 -2.94
CA CYS D 144 17.72 10.90 -1.55
C CYS D 144 16.27 11.00 -1.14
N MET D 145 15.71 9.88 -0.73
CA MET D 145 14.34 9.79 -0.23
C MET D 145 14.35 9.61 1.27
N LEU D 146 13.66 10.52 1.97
CA LEU D 146 13.41 10.36 3.38
C LEU D 146 12.15 9.53 3.51
N ILE D 147 12.23 8.46 4.30
CA ILE D 147 11.07 7.66 4.60
C ILE D 147 10.81 7.85 6.09
N ILE D 148 9.55 8.13 6.42
CA ILE D 148 9.14 8.45 7.78
C ILE D 148 8.33 7.28 8.34
N ASN D 149 8.83 6.70 9.43
CA ASN D 149 8.11 5.66 10.17
C ASN D 149 7.81 4.37 9.39
N LYS D 150 8.73 4.01 8.49
CA LYS D 150 8.74 2.66 7.96
C LYS D 150 9.19 1.73 9.09
N PRO D 151 8.38 0.71 9.42
CA PRO D 151 8.72 -0.15 10.56
C PRO D 151 10.12 -0.77 10.50
N LYS D 152 10.80 -0.78 11.64
CA LYS D 152 12.04 -1.54 11.78
C LYS D 152 12.27 -1.95 13.22
N GLY D 153 12.37 -3.27 13.42
CA GLY D 153 12.63 -3.82 14.73
C GLY D 153 11.54 -3.42 15.70
N VAL D 154 11.96 -2.93 16.86
CA VAL D 154 11.03 -2.50 17.90
C VAL D 154 11.04 -0.97 18.06
N ALA D 155 11.59 -0.26 17.07
CA ALA D 155 11.59 1.20 17.07
C ALA D 155 10.16 1.75 17.01
N THR D 156 9.91 2.81 17.79
CA THR D 156 8.63 3.52 17.75
C THR D 156 8.60 4.53 16.60
N TYR D 157 9.76 5.13 16.31
CA TYR D 157 9.90 6.07 15.21
C TYR D 157 11.12 5.68 14.40
N THR D 158 11.03 5.86 13.09
CA THR D 158 12.19 5.70 12.23
C THR D 158 12.27 6.85 11.23
N LEU D 159 13.49 7.19 10.90
CA LEU D 159 13.80 8.09 9.80
C LEU D 159 14.81 7.36 8.94
N THR D 160 14.51 7.23 7.65
CA THR D 160 15.37 6.50 6.72
C THR D 160 15.79 7.44 5.62
N PHE D 161 17.11 7.51 5.41
CA PHE D 161 17.68 8.23 4.28
C PHE D 161 18.03 7.18 3.27
N ARG D 162 17.29 7.14 2.16
CA ARG D 162 17.49 6.12 1.16
C ARG D 162 18.09 6.74 -0.09
N PHE D 163 19.28 6.29 -0.44
CA PHE D 163 20.01 6.84 -1.58
C PHE D 163 19.76 5.95 -2.79
N LEU D 164 19.29 6.60 -3.86
CA LEU D 164 18.65 5.95 -4.99
C LEU D 164 19.07 6.59 -6.31
N ASN D 165 18.88 5.85 -7.39
CA ASN D 165 19.05 6.36 -8.74
C ASN D 165 20.46 6.87 -9.03
N PHE D 166 21.44 6.09 -8.59
CA PHE D 166 22.84 6.34 -8.94
C PHE D 166 23.10 6.26 -10.43
N ASN D 167 22.26 5.54 -11.16
CA ASN D 167 22.33 5.52 -12.63
C ASN D 167 22.07 6.87 -13.32
N ARG D 168 21.59 7.87 -12.57
CA ARG D 168 21.50 9.24 -13.04
C ARG D 168 22.88 9.89 -13.23
N LEU D 169 23.89 9.37 -12.55
CA LEU D 169 25.25 9.88 -12.67
C LEU D 169 25.85 9.53 -14.02
N SER D 170 26.64 10.46 -14.57
CA SER D 170 27.34 10.23 -15.84
C SER D 170 28.64 9.46 -15.64
N GLY D 171 29.08 9.32 -14.38
CA GLY D 171 30.27 8.55 -14.09
C GLY D 171 30.63 8.66 -12.63
N GLY D 172 31.80 8.14 -12.27
CA GLY D 172 32.31 8.20 -10.92
C GLY D 172 32.30 9.60 -10.35
N THR D 173 31.66 9.74 -9.20
CA THR D 173 31.43 11.04 -8.57
C THR D 173 31.73 10.94 -7.08
N LEU D 174 32.43 11.93 -6.56
CA LEU D 174 32.69 12.01 -5.11
C LEU D 174 31.35 12.02 -4.40
N PHE D 175 31.17 11.12 -3.44
CA PHE D 175 29.93 11.03 -2.67
C PHE D 175 29.97 12.10 -1.56
N LYS D 176 29.89 13.34 -2.00
CA LYS D 176 29.95 14.51 -1.13
C LYS D 176 28.63 15.23 -1.39
N THR D 177 27.61 14.98 -0.57
CA THR D 177 26.27 15.46 -0.90
C THR D 177 26.09 16.94 -0.61
N ASP D 178 25.11 17.49 -1.31
CA ASP D 178 24.52 18.75 -0.94
C ASP D 178 23.95 18.72 0.47
N VAL D 179 23.71 19.91 0.99
CA VAL D 179 22.83 20.09 2.14
C VAL D 179 21.40 19.77 1.71
N LEU D 180 20.84 18.76 2.38
CA LEU D 180 19.51 18.26 2.12
C LEU D 180 18.57 18.70 3.23
N THR D 181 17.34 19.06 2.85
CA THR D 181 16.31 19.49 3.80
C THR D 181 15.03 18.68 3.53
N PHE D 182 14.40 18.22 4.62
CA PHE D 182 13.08 17.60 4.60
C PHE D 182 12.30 18.17 5.77
N THR D 183 10.97 18.03 5.70
CA THR D 183 10.07 18.58 6.72
C THR D 183 8.97 17.57 7.04
N TYR D 184 8.66 17.43 8.33
CA TYR D 184 7.51 16.60 8.74
C TYR D 184 6.85 17.16 9.99
N VAL D 185 5.63 16.71 10.27
CA VAL D 185 4.92 17.15 11.47
C VAL D 185 5.50 16.46 12.70
N GLY D 186 5.87 17.28 13.68
CA GLY D 186 6.49 16.79 14.90
C GLY D 186 5.49 16.17 15.85
N GLU D 187 6.00 15.31 16.71
CA GLU D 187 5.19 14.62 17.70
C GLU D 187 4.75 15.58 18.80
N ASN D 188 3.62 15.26 19.41
CA ASN D 188 3.12 16.00 20.56
C ASN D 188 3.78 15.53 21.83
N GLN D 189 4.03 16.49 22.72
CA GLN D 189 4.61 16.24 24.02
C GLN D 189 3.90 15.08 24.71
CA ALA E 8 0.52 -35.03 11.31
C ALA E 8 0.32 -33.89 10.30
N PRO E 9 -0.29 -32.78 10.76
CA PRO E 9 -0.44 -31.58 9.92
C PRO E 9 0.86 -30.79 9.81
N ILE E 10 1.02 -30.07 8.71
CA ILE E 10 2.21 -29.25 8.54
C ILE E 10 1.93 -28.08 7.62
N THR E 11 2.47 -26.92 7.98
CA THR E 11 2.36 -25.72 7.18
C THR E 11 3.74 -25.22 6.78
N LEU E 12 3.91 -25.04 5.48
CA LEU E 12 5.07 -24.34 4.94
C LEU E 12 4.63 -22.99 4.42
N TRP E 13 5.41 -21.95 4.69
CA TRP E 13 5.01 -20.63 4.28
C TRP E 13 6.18 -19.65 4.18
N THR E 14 5.87 -18.50 3.58
CA THR E 14 6.77 -17.37 3.48
C THR E 14 6.86 -16.54 4.76
N GLY E 15 5.95 -16.78 5.70
CA GLY E 15 5.76 -15.90 6.84
C GLY E 15 4.93 -14.68 6.47
N PRO E 16 4.50 -13.89 7.46
CA PRO E 16 3.75 -12.69 7.17
C PRO E 16 4.73 -11.63 6.66
N GLY E 17 4.24 -10.54 6.08
CA GLY E 17 5.16 -9.54 5.53
C GLY E 17 6.37 -10.07 4.76
N PRO E 18 6.15 -10.83 3.69
CA PRO E 18 7.26 -11.28 2.85
C PRO E 18 7.99 -10.13 2.15
N SER E 19 9.24 -10.38 1.76
CA SER E 19 9.99 -9.45 0.95
C SER E 19 9.48 -9.51 -0.49
N ILE E 20 10.09 -8.73 -1.38
CA ILE E 20 9.80 -8.86 -2.80
C ILE E 20 10.51 -10.15 -3.25
N ASN E 21 9.73 -11.22 -3.28
CA ASN E 21 10.23 -12.59 -3.39
C ASN E 21 9.73 -13.32 -4.65
N GLY E 22 9.06 -12.58 -5.54
CA GLY E 22 8.61 -13.10 -6.82
C GLY E 22 9.44 -12.47 -7.93
N PHE E 23 10.26 -13.29 -8.59
CA PHE E 23 11.23 -12.81 -9.57
C PHE E 23 10.81 -13.15 -10.99
N ILE E 24 10.87 -12.15 -11.86
CA ILE E 24 10.70 -12.35 -13.29
C ILE E 24 11.98 -11.84 -13.94
N ASN E 25 12.66 -12.72 -14.68
CA ASN E 25 13.96 -12.42 -15.28
C ASN E 25 14.99 -11.93 -14.25
N ASP E 26 15.03 -12.64 -13.13
CA ASP E 26 15.93 -12.34 -12.00
C ASP E 26 15.72 -10.95 -11.37
N THR E 27 14.57 -10.33 -11.61
CA THR E 27 14.25 -9.03 -11.06
C THR E 27 13.12 -9.20 -10.06
N PRO E 28 13.31 -8.69 -8.83
CA PRO E 28 12.22 -8.79 -7.85
C PRO E 28 11.07 -7.84 -8.18
N VAL E 29 9.88 -8.39 -8.45
CA VAL E 29 8.75 -7.58 -8.92
C VAL E 29 7.44 -7.75 -8.13
N ILE E 30 7.28 -8.88 -7.43
CA ILE E 30 6.02 -9.20 -6.75
C ILE E 30 6.28 -9.70 -5.34
N ARG E 31 5.51 -9.17 -4.39
CA ARG E 31 5.56 -9.57 -2.99
C ARG E 31 4.54 -10.68 -2.83
N CYS E 32 5.01 -11.89 -2.53
CA CYS E 32 4.17 -13.09 -2.56
C CYS E 32 4.00 -13.68 -1.17
N PHE E 33 2.79 -13.64 -0.65
CA PHE E 33 2.47 -14.38 0.55
C PHE E 33 1.98 -15.77 0.11
N ILE E 34 2.70 -16.82 0.48
CA ILE E 34 2.32 -18.19 0.14
C ILE E 34 2.30 -19.04 1.41
N CYS E 35 1.22 -19.79 1.59
CA CYS E 35 1.03 -20.69 2.71
C CYS E 35 0.50 -22.02 2.16
N LEU E 36 1.19 -23.12 2.48
CA LEU E 36 0.77 -24.45 2.08
C LEU E 36 0.47 -25.21 3.36
N THR E 37 -0.81 -25.51 3.59
CA THR E 37 -1.21 -26.20 4.80
C THR E 37 -1.75 -27.60 4.50
N ARG E 38 -1.03 -28.58 5.00
CA ARG E 38 -1.41 -29.98 4.92
C ARG E 38 -2.14 -30.34 6.21
N ASP E 39 -3.38 -30.77 6.06
CA ASP E 39 -4.11 -31.37 7.14
C ASP E 39 -4.08 -32.89 6.92
N SER E 40 -5.19 -33.61 7.11
CA SER E 40 -5.13 -35.08 7.04
C SER E 40 -4.70 -35.65 5.67
N ASN E 41 -5.30 -35.14 4.60
CA ASN E 41 -5.07 -35.68 3.26
C ASN E 41 -4.77 -34.60 2.20
N LEU E 42 -5.44 -33.46 2.31
CA LEU E 42 -5.38 -32.41 1.32
C LEU E 42 -4.46 -31.30 1.79
N VAL E 43 -3.88 -30.60 0.81
CA VAL E 43 -3.09 -29.40 1.03
C VAL E 43 -3.95 -28.22 0.55
N THR E 44 -4.09 -27.22 1.40
CA THR E 44 -4.71 -25.96 1.02
C THR E 44 -3.62 -24.95 0.70
N VAL E 45 -3.69 -24.38 -0.49
CA VAL E 45 -2.84 -23.26 -0.87
C VAL E 45 -3.60 -21.98 -0.53
N ASN E 46 -2.99 -21.12 0.27
CA ASN E 46 -3.55 -19.81 0.61
C ASN E 46 -2.49 -18.80 0.19
N ALA E 47 -2.84 -17.93 -0.75
CA ALA E 47 -1.84 -17.02 -1.32
C ALA E 47 -2.43 -15.66 -1.67
N SER E 48 -1.57 -14.66 -1.60
CA SER E 48 -1.89 -13.32 -2.07
C SER E 48 -0.63 -12.66 -2.58
N PHE E 49 -0.83 -11.71 -3.49
CA PHE E 49 0.28 -11.09 -4.22
C PHE E 49 0.13 -9.59 -4.29
N VAL E 50 1.25 -8.88 -4.15
CA VAL E 50 1.30 -7.42 -4.34
C VAL E 50 2.46 -7.08 -5.30
N GLY E 51 2.13 -6.51 -6.45
CA GLY E 51 3.12 -6.04 -7.40
C GLY E 51 3.85 -4.82 -6.86
N GLU E 52 5.12 -4.70 -7.23
CA GLU E 52 5.99 -3.61 -6.80
C GLU E 52 6.74 -3.12 -8.04
N GLY E 53 7.36 -1.94 -7.92
CA GLY E 53 8.10 -1.37 -9.03
C GLY E 53 7.27 -1.34 -10.30
N GLY E 54 7.80 -1.94 -11.38
CA GLY E 54 7.13 -1.99 -12.67
C GLY E 54 5.80 -2.72 -12.68
N TYR E 55 5.60 -3.61 -11.71
CA TYR E 55 4.37 -4.42 -11.63
C TYR E 55 3.37 -3.89 -10.60
N ARG E 56 3.55 -2.65 -10.16
CA ARG E 56 2.69 -2.05 -9.15
C ARG E 56 1.26 -1.93 -9.69
N ILE E 57 1.16 -1.45 -10.92
CA ILE E 57 -0.09 -1.27 -11.65
C ILE E 57 -0.03 -2.18 -12.87
N VAL E 58 -1.12 -2.89 -13.12
CA VAL E 58 -1.22 -3.72 -14.32
C VAL E 58 -2.36 -3.17 -15.20
N SER E 59 -2.18 -3.28 -16.51
CA SER E 59 -3.15 -2.73 -17.45
C SER E 59 -3.70 -3.89 -18.27
N PRO E 60 -4.77 -3.63 -19.05
CA PRO E 60 -5.32 -4.65 -19.94
C PRO E 60 -4.35 -5.20 -20.99
N THR E 61 -3.22 -4.53 -21.23
CA THR E 61 -2.22 -5.03 -22.19
C THR E 61 -1.08 -5.83 -21.55
N GLN E 62 -1.15 -6.00 -20.23
CA GLN E 62 -0.17 -6.79 -19.49
C GLN E 62 -0.09 -8.19 -20.04
N SER E 63 1.13 -8.64 -20.33
CA SER E 63 1.37 -10.00 -20.78
CA SER E 63 1.34 -10.00 -20.78
C SER E 63 1.23 -10.96 -19.59
N GLN E 64 0.65 -12.11 -19.84
CA GLN E 64 0.52 -13.16 -18.84
C GLN E 64 1.90 -13.61 -18.35
N PHE E 65 1.93 -14.17 -17.16
CA PHE E 65 3.18 -14.67 -16.60
C PHE E 65 2.93 -15.73 -15.55
N SER E 66 3.96 -16.55 -15.32
CA SER E 66 3.93 -17.62 -14.34
C SER E 66 4.96 -17.35 -13.26
N LEU E 67 4.56 -17.58 -12.01
CA LEU E 67 5.47 -17.61 -10.89
C LEU E 67 5.51 -19.07 -10.47
N ILE E 68 6.65 -19.71 -10.74
CA ILE E 68 6.82 -21.13 -10.49
C ILE E 68 7.62 -21.34 -9.21
N MET E 69 7.10 -22.24 -8.37
CA MET E 69 7.80 -22.79 -7.23
C MET E 69 8.27 -24.18 -7.61
N GLU E 70 9.58 -24.42 -7.48
CA GLU E 70 10.19 -25.70 -7.79
C GLU E 70 10.62 -26.35 -6.49
N PHE E 71 10.16 -27.58 -6.25
CA PHE E 71 10.53 -28.34 -5.08
C PHE E 71 11.25 -29.63 -5.47
N ASP E 72 12.24 -30.02 -4.67
CA ASP E 72 12.94 -31.30 -4.90
C ASP E 72 12.14 -32.47 -4.30
N GLN E 73 12.67 -33.69 -4.41
CA GLN E 73 11.92 -34.88 -4.00
C GLN E 73 11.67 -35.00 -2.50
N PHE E 74 12.41 -34.24 -1.70
CA PHE E 74 12.16 -34.15 -0.26
C PHE E 74 11.16 -33.06 0.11
N GLY E 75 10.70 -32.28 -0.89
CA GLY E 75 9.79 -31.17 -0.63
C GLY E 75 10.49 -29.91 -0.16
N GLN E 76 11.76 -29.77 -0.52
CA GLN E 76 12.54 -28.59 -0.21
C GLN E 76 12.45 -27.64 -1.40
N LEU E 77 12.12 -26.38 -1.14
CA LEU E 77 12.06 -25.37 -2.20
C LEU E 77 13.44 -25.14 -2.80
N MET E 78 13.52 -25.18 -4.12
CA MET E 78 14.78 -24.96 -4.83
C MET E 78 15.00 -23.46 -5.14
N SER E 79 16.22 -23.12 -5.56
CA SER E 79 16.60 -21.73 -5.82
C SER E 79 16.18 -21.17 -7.17
N THR E 80 15.70 -22.04 -8.07
CA THR E 80 15.60 -21.74 -9.49
C THR E 80 14.20 -21.30 -9.98
N GLY E 81 13.20 -21.40 -9.12
CA GLY E 81 11.86 -20.90 -9.49
C GLY E 81 11.74 -19.39 -9.38
N ASN E 82 10.60 -18.87 -9.82
CA ASN E 82 10.27 -17.46 -9.65
C ASN E 82 10.09 -17.12 -8.18
N ILE E 83 9.55 -18.07 -7.43
CA ILE E 83 9.50 -17.97 -5.99
C ILE E 83 10.40 -19.09 -5.49
N ASN E 84 11.42 -18.74 -4.73
CA ASN E 84 12.51 -19.67 -4.48
C ASN E 84 13.17 -19.53 -3.12
N SER E 85 14.10 -20.44 -2.84
CA SER E 85 14.76 -20.54 -1.54
C SER E 85 15.77 -19.42 -1.23
N THR E 86 15.98 -18.46 -2.13
CA THR E 86 16.84 -17.34 -1.80
C THR E 86 16.11 -16.36 -0.86
N THR E 87 14.81 -16.52 -0.69
CA THR E 87 14.03 -15.68 0.22
C THR E 87 13.37 -16.54 1.30
N THR E 88 12.75 -15.89 2.26
CA THR E 88 12.21 -16.59 3.45
C THR E 88 11.18 -17.66 3.09
N TRP E 89 11.43 -18.86 3.57
CA TRP E 89 10.55 -20.00 3.34
C TRP E 89 10.84 -21.08 4.37
N GLY E 90 9.79 -21.66 4.94
CA GLY E 90 9.97 -22.73 5.92
C GLY E 90 8.69 -23.07 6.65
N GLU E 91 8.84 -23.80 7.74
CA GLU E 91 7.69 -24.31 8.46
C GLU E 91 7.13 -23.27 9.42
N LYS E 92 5.80 -23.16 9.48
CA LYS E 92 5.13 -22.40 10.52
C LYS E 92 4.85 -23.30 11.72
N PRO E 93 5.48 -23.01 12.86
CA PRO E 93 5.09 -23.78 14.04
C PRO E 93 3.69 -23.38 14.49
N TRP E 94 2.96 -24.34 15.03
CA TRP E 94 1.68 -24.05 15.65
C TRP E 94 1.94 -23.11 16.83
N GLY E 95 1.23 -21.98 16.86
CA GLY E 95 1.28 -21.08 18.01
C GLY E 95 2.12 -19.83 17.86
N ASN E 96 2.85 -19.69 16.74
CA ASN E 96 3.56 -18.45 16.46
C ASN E 96 3.71 -18.21 14.96
N ASN E 97 4.16 -17.01 14.60
CA ASN E 97 4.25 -16.62 13.20
C ASN E 97 5.68 -16.65 12.65
N THR E 98 6.52 -17.50 13.24
CA THR E 98 7.90 -17.62 12.76
C THR E 98 7.95 -18.51 11.51
N VAL E 99 9.12 -18.53 10.89
CA VAL E 99 9.42 -19.38 9.75
C VAL E 99 10.66 -20.20 10.13
N GLN E 100 10.46 -21.50 10.31
CA GLN E 100 11.54 -22.40 10.69
C GLN E 100 12.19 -23.01 9.45
N PRO E 101 13.42 -22.58 9.12
CA PRO E 101 13.98 -22.87 7.80
C PRO E 101 14.63 -24.26 7.60
N ARG E 102 14.87 -25.00 8.69
CA ARG E 102 15.53 -26.32 8.63
C ARG E 102 14.57 -27.42 8.15
N PRO E 103 14.82 -27.98 6.95
CA PRO E 103 13.89 -28.97 6.42
C PRO E 103 13.80 -30.27 7.22
N SER E 104 12.57 -30.75 7.39
CA SER E 104 12.29 -32.05 7.99
C SER E 104 11.69 -32.98 6.94
N HIS E 105 11.63 -34.28 7.25
CA HIS E 105 11.04 -35.24 6.32
C HIS E 105 9.54 -34.95 6.11
N THR E 106 8.91 -34.34 7.11
CA THR E 106 7.47 -34.04 7.06
C THR E 106 7.10 -33.01 5.98
N TRP E 107 8.09 -32.24 5.51
CA TRP E 107 7.86 -31.21 4.50
C TRP E 107 7.31 -31.78 3.19
N LYS E 108 7.61 -33.06 2.93
CA LYS E 108 7.10 -33.74 1.74
C LYS E 108 5.57 -33.84 1.73
N LEU E 109 4.97 -33.85 2.91
CA LEU E 109 3.52 -33.96 3.04
C LEU E 109 2.75 -32.74 2.46
N CYS E 110 3.45 -31.62 2.26
CA CYS E 110 2.87 -30.44 1.61
C CYS E 110 2.93 -30.46 0.08
N MET E 111 3.59 -31.47 -0.49
CA MET E 111 3.80 -31.57 -1.92
C MET E 111 2.61 -32.21 -2.61
N PRO E 112 2.37 -31.84 -3.88
CA PRO E 112 1.31 -32.49 -4.64
C PRO E 112 1.63 -33.96 -4.97
N ASN E 113 0.79 -34.85 -4.45
CA ASN E 113 0.88 -36.30 -4.67
C ASN E 113 1.30 -36.67 -6.10
N ARG E 114 2.46 -37.32 -6.22
CA ARG E 114 3.08 -37.60 -7.51
C ARG E 114 2.31 -38.60 -8.37
N GLU E 115 1.65 -39.56 -7.75
CA GLU E 115 0.79 -40.51 -8.44
C GLU E 115 -0.52 -39.86 -8.89
N VAL E 116 -1.14 -39.08 -8.01
CA VAL E 116 -2.39 -38.42 -8.36
C VAL E 116 -2.15 -37.38 -9.45
N TYR E 117 -1.04 -36.65 -9.36
CA TYR E 117 -0.70 -35.64 -10.36
C TYR E 117 0.51 -36.07 -11.20
N SER E 118 0.40 -37.27 -11.78
CA SER E 118 1.46 -37.81 -12.63
C SER E 118 1.48 -37.09 -13.98
N THR E 119 0.35 -36.50 -14.35
CA THR E 119 0.31 -35.52 -15.43
C THR E 119 -0.24 -34.20 -14.85
N PRO E 120 0.18 -33.06 -15.41
CA PRO E 120 -0.16 -31.78 -14.80
C PRO E 120 -1.66 -31.55 -14.61
N ALA E 121 -2.01 -30.96 -13.47
CA ALA E 121 -3.38 -30.60 -13.16
C ALA E 121 -3.47 -29.10 -13.02
N ALA E 122 -4.67 -28.55 -13.15
CA ALA E 122 -4.86 -27.12 -13.06
C ALA E 122 -6.19 -26.76 -12.43
N THR E 123 -6.22 -25.57 -11.83
CA THR E 123 -7.45 -24.92 -11.42
C THR E 123 -7.33 -23.46 -11.80
N ILE E 124 -8.17 -23.02 -12.73
CA ILE E 124 -8.25 -21.61 -13.06
C ILE E 124 -9.39 -20.97 -12.27
N SER E 125 -9.06 -19.91 -11.54
CA SER E 125 -10.02 -19.22 -10.69
CA SER E 125 -10.02 -19.21 -10.70
C SER E 125 -9.90 -17.70 -10.86
N ARG E 126 -10.96 -17.02 -10.47
CA ARG E 126 -11.00 -15.57 -10.43
C ARG E 126 -9.91 -15.05 -9.49
N CYS E 127 -9.35 -13.91 -9.86
CA CYS E 127 -8.35 -13.24 -9.06
C CYS E 127 -8.71 -11.76 -9.06
N GLY E 128 -9.51 -11.36 -8.08
CA GLY E 128 -9.86 -9.96 -7.85
C GLY E 128 -8.65 -9.12 -7.54
N LEU E 129 -8.58 -7.95 -8.17
CA LEU E 129 -7.51 -6.98 -7.91
C LEU E 129 -8.11 -5.77 -7.20
N ASP E 130 -7.41 -5.31 -6.18
CA ASP E 130 -7.74 -4.07 -5.49
C ASP E 130 -9.21 -4.03 -5.06
N SER E 131 -9.71 -5.18 -4.63
CA SER E 131 -11.16 -5.41 -4.51
C SER E 131 -11.86 -4.49 -3.52
N ILE E 132 -11.22 -4.22 -2.39
CA ILE E 132 -11.82 -3.32 -1.40
C ILE E 132 -11.94 -1.89 -1.96
N ALA E 133 -10.86 -1.38 -2.53
CA ALA E 133 -10.81 -0.01 -3.07
C ALA E 133 -11.78 0.21 -4.24
N VAL E 134 -11.91 -0.78 -5.11
CA VAL E 134 -12.81 -0.68 -6.26
C VAL E 134 -14.18 -1.28 -5.97
N ASP E 135 -14.39 -1.70 -4.72
CA ASP E 135 -15.65 -2.30 -4.25
C ASP E 135 -16.15 -3.40 -5.20
N GLY E 136 -15.24 -4.28 -5.59
CA GLY E 136 -15.58 -5.47 -6.35
C GLY E 136 -16.15 -5.20 -7.73
N ALA E 137 -15.77 -4.07 -8.33
CA ALA E 137 -16.15 -3.76 -9.71
C ALA E 137 -15.84 -4.95 -10.59
N PRO E 138 -16.82 -5.39 -11.42
CA PRO E 138 -16.68 -6.62 -12.20
C PRO E 138 -15.49 -6.64 -13.16
N SER E 139 -15.09 -5.48 -13.69
CA SER E 139 -13.98 -5.43 -14.64
C SER E 139 -12.62 -5.17 -13.96
N ARG E 140 -12.50 -5.58 -12.69
CA ARG E 140 -11.25 -5.45 -11.95
C ARG E 140 -10.68 -6.81 -11.51
N SER E 141 -11.12 -7.87 -12.19
CA SER E 141 -10.64 -9.23 -11.92
C SER E 141 -9.86 -9.73 -13.12
N ILE E 142 -8.78 -10.45 -12.84
CA ILE E 142 -8.08 -11.25 -13.82
C ILE E 142 -8.29 -12.71 -13.42
N ASP E 143 -7.54 -13.63 -14.00
CA ASP E 143 -7.52 -15.01 -13.55
C ASP E 143 -6.15 -15.40 -13.01
N CYS E 144 -6.16 -16.29 -12.05
CA CYS E 144 -4.96 -16.96 -11.61
C CYS E 144 -5.20 -18.46 -11.66
N MET E 145 -4.40 -19.14 -12.46
CA MET E 145 -4.47 -20.57 -12.62
C MET E 145 -3.33 -21.21 -11.85
N LEU E 146 -3.66 -22.07 -10.88
CA LEU E 146 -2.65 -22.90 -10.24
C LEU E 146 -2.40 -24.08 -11.17
N ILE E 147 -1.14 -24.27 -11.61
CA ILE E 147 -0.76 -25.49 -12.33
C ILE E 147 0.04 -26.38 -11.38
N ILE E 148 -0.36 -27.65 -11.32
CA ILE E 148 0.22 -28.60 -10.39
C ILE E 148 1.12 -29.59 -11.15
N ASN E 149 2.40 -29.61 -10.82
CA ASN E 149 3.38 -30.57 -11.40
C ASN E 149 3.58 -30.48 -12.91
N LYS E 150 3.52 -29.27 -13.46
CA LYS E 150 4.00 -29.04 -14.81
C LYS E 150 5.52 -29.14 -14.74
N PRO E 151 6.14 -29.99 -15.59
CA PRO E 151 7.59 -30.16 -15.49
C PRO E 151 8.38 -28.87 -15.59
N LYS E 152 9.42 -28.77 -14.76
CA LYS E 152 10.43 -27.74 -14.92
C LYS E 152 11.77 -28.16 -14.34
N GLY E 153 12.80 -28.14 -15.20
CA GLY E 153 14.15 -28.43 -14.79
C GLY E 153 14.25 -29.78 -14.13
N VAL E 154 14.92 -29.83 -13.00
CA VAL E 154 15.08 -31.08 -12.26
C VAL E 154 14.15 -31.13 -11.03
N ALA E 155 13.11 -30.29 -11.03
CA ALA E 155 12.15 -30.28 -9.93
C ALA E 155 11.30 -31.55 -9.95
N THR E 156 11.05 -32.10 -8.78
CA THR E 156 10.17 -33.25 -8.62
C THR E 156 8.71 -32.81 -8.51
N TYR E 157 8.50 -31.70 -7.83
CA TYR E 157 7.18 -31.09 -7.68
C TYR E 157 7.23 -29.65 -8.12
N THR E 158 6.17 -29.18 -8.76
CA THR E 158 6.03 -27.75 -9.04
C THR E 158 4.63 -27.23 -8.72
N LEU E 159 4.57 -25.99 -8.26
CA LEU E 159 3.32 -25.25 -8.18
C LEU E 159 3.53 -23.96 -8.96
N THR E 160 2.67 -23.71 -9.91
CA THR E 160 2.74 -22.52 -10.76
C THR E 160 1.54 -21.63 -10.52
N PHE E 161 1.80 -20.36 -10.21
CA PHE E 161 0.75 -19.35 -10.16
C PHE E 161 0.83 -18.59 -11.47
N ARG E 162 -0.14 -18.84 -12.35
CA ARG E 162 -0.15 -18.25 -13.68
C ARG E 162 -1.25 -17.20 -13.78
N PHE E 163 -0.83 -15.96 -13.94
CA PHE E 163 -1.72 -14.82 -14.01
C PHE E 163 -2.05 -14.52 -15.45
N LEU E 164 -3.35 -14.55 -15.74
CA LEU E 164 -3.86 -14.64 -17.09
C LEU E 164 -5.02 -13.70 -17.29
N ASN E 165 -5.29 -13.39 -18.56
CA ASN E 165 -6.48 -12.65 -18.99
C ASN E 165 -6.57 -11.24 -18.40
N PHE E 166 -5.44 -10.55 -18.43
CA PHE E 166 -5.38 -9.15 -18.03
C PHE E 166 -6.27 -8.26 -18.91
N ASN E 167 -6.57 -8.72 -20.13
CA ASN E 167 -7.49 -7.99 -21.01
C ASN E 167 -8.94 -7.92 -20.50
N ARG E 168 -9.25 -8.65 -19.42
CA ARG E 168 -10.52 -8.53 -18.70
CA ARG E 168 -10.53 -8.52 -18.75
C ARG E 168 -10.63 -7.20 -17.97
N LEU E 169 -9.49 -6.59 -17.66
CA LEU E 169 -9.45 -5.34 -16.90
C LEU E 169 -9.91 -4.16 -17.75
N SER E 170 -10.71 -3.28 -17.16
CA SER E 170 -11.18 -2.09 -17.90
C SER E 170 -10.07 -1.07 -18.07
N GLY E 171 -9.06 -1.09 -17.20
CA GLY E 171 -7.97 -0.12 -17.24
C GLY E 171 -6.91 -0.44 -16.21
N GLY E 172 -6.00 0.49 -16.00
CA GLY E 172 -4.92 0.33 -15.03
C GLY E 172 -5.49 0.08 -13.65
N THR E 173 -4.95 -0.94 -12.98
CA THR E 173 -5.46 -1.47 -11.73
C THR E 173 -4.27 -1.80 -10.83
N LEU E 174 -4.36 -1.44 -9.56
CA LEU E 174 -3.34 -1.85 -8.57
C LEU E 174 -3.27 -3.39 -8.53
N PHE E 175 -2.06 -3.93 -8.72
CA PHE E 175 -1.86 -5.37 -8.64
C PHE E 175 -1.79 -5.83 -7.18
N LYS E 176 -2.94 -5.81 -6.53
CA LYS E 176 -3.09 -6.18 -5.13
C LYS E 176 -4.17 -7.26 -5.11
N THR E 177 -3.75 -8.51 -5.11
CA THR E 177 -4.71 -9.60 -5.33
C THR E 177 -5.52 -9.88 -4.07
N ASP E 178 -6.70 -10.44 -4.32
CA ASP E 178 -7.45 -11.13 -3.31
C ASP E 178 -6.62 -12.26 -2.68
N VAL E 179 -7.11 -12.74 -1.54
CA VAL E 179 -6.65 -14.00 -0.97
C VAL E 179 -7.20 -15.12 -1.87
N LEU E 180 -6.28 -15.90 -2.41
CA LEU E 180 -6.59 -16.98 -3.33
C LEU E 180 -6.44 -18.29 -2.59
N THR E 181 -7.32 -19.24 -2.88
CA THR E 181 -7.27 -20.54 -2.25
C THR E 181 -7.40 -21.62 -3.32
N PHE E 182 -6.50 -22.60 -3.25
CA PHE E 182 -6.54 -23.78 -4.09
C PHE E 182 -6.35 -24.98 -3.19
N THR E 183 -6.70 -26.15 -3.71
CA THR E 183 -6.63 -27.40 -2.96
C THR E 183 -6.12 -28.53 -3.85
N TYR E 184 -5.24 -29.37 -3.31
CA TYR E 184 -4.81 -30.58 -4.00
C TYR E 184 -4.52 -31.72 -3.03
N VAL E 185 -4.40 -32.94 -3.56
CA VAL E 185 -4.13 -34.11 -2.73
C VAL E 185 -2.65 -34.13 -2.33
N GLY E 186 -2.41 -34.27 -1.04
CA GLY E 186 -1.07 -34.24 -0.51
C GLY E 186 -0.28 -35.51 -0.77
N GLU E 187 1.04 -35.36 -0.83
CA GLU E 187 1.94 -36.47 -1.05
C GLU E 187 1.95 -37.36 0.21
N ASN E 188 2.23 -38.64 0.00
CA ASN E 188 2.38 -39.58 1.11
C ASN E 188 3.82 -39.54 1.63
N GLN E 189 4.01 -39.67 2.93
CA GLN E 189 5.35 -39.69 3.51
C GLN E 189 6.23 -40.71 2.77
N PRO F 6 -13.44 -35.69 20.14
CA PRO F 6 -12.11 -35.49 19.54
C PRO F 6 -12.11 -35.79 18.03
N ALA F 7 -11.54 -34.85 17.25
CA ALA F 7 -11.62 -34.86 15.78
C ALA F 7 -10.94 -36.10 15.17
N ALA F 8 -11.60 -36.65 14.16
CA ALA F 8 -11.21 -37.92 13.58
C ALA F 8 -11.34 -37.85 12.06
N PRO F 9 -10.22 -37.69 11.34
CA PRO F 9 -10.31 -37.51 9.90
C PRO F 9 -10.53 -38.82 9.13
N ILE F 10 -11.13 -38.70 7.96
CA ILE F 10 -11.33 -39.84 7.06
C ILE F 10 -11.48 -39.33 5.63
N THR F 11 -10.85 -40.04 4.70
CA THR F 11 -10.97 -39.76 3.27
C THR F 11 -11.58 -40.97 2.56
N LEU F 12 -12.66 -40.71 1.82
CA LEU F 12 -13.22 -41.66 0.87
C LEU F 12 -12.89 -41.16 -0.52
N TRP F 13 -12.47 -42.07 -1.41
CA TRP F 13 -12.12 -41.70 -2.77
C TRP F 13 -12.17 -42.83 -3.78
N THR F 14 -11.96 -42.46 -5.04
CA THR F 14 -11.97 -43.39 -6.15
C THR F 14 -10.59 -44.00 -6.35
N GLY F 15 -9.57 -43.39 -5.72
CA GLY F 15 -8.18 -43.67 -6.01
C GLY F 15 -7.74 -42.93 -7.25
N PRO F 16 -6.42 -42.93 -7.52
CA PRO F 16 -5.92 -42.26 -8.71
C PRO F 16 -6.26 -43.08 -9.95
N GLY F 17 -6.22 -42.45 -11.12
CA GLY F 17 -6.46 -43.13 -12.39
C GLY F 17 -7.74 -43.92 -12.43
N PRO F 18 -8.90 -43.26 -12.17
CA PRO F 18 -10.17 -43.97 -12.15
C PRO F 18 -10.52 -44.56 -13.50
N SER F 19 -11.29 -45.65 -13.48
CA SER F 19 -11.84 -46.22 -14.70
C SER F 19 -12.92 -45.29 -15.23
N ILE F 20 -13.55 -45.66 -16.33
CA ILE F 20 -14.70 -44.89 -16.81
C ILE F 20 -15.88 -45.22 -15.89
N ASN F 21 -16.02 -44.43 -14.84
CA ASN F 21 -16.89 -44.74 -13.70
C ASN F 21 -18.09 -43.80 -13.55
N GLY F 22 -18.26 -42.92 -14.53
CA GLY F 22 -19.40 -42.02 -14.59
C GLY F 22 -20.29 -42.49 -15.72
N PHE F 23 -21.51 -42.91 -15.36
CA PHE F 23 -22.45 -43.54 -16.27
C PHE F 23 -23.61 -42.59 -16.53
N ILE F 24 -24.03 -42.51 -17.79
CA ILE F 24 -25.25 -41.80 -18.18
C ILE F 24 -26.05 -42.78 -19.04
N ASN F 25 -27.30 -43.05 -18.64
CA ASN F 25 -28.13 -44.09 -19.26
C ASN F 25 -27.42 -45.45 -19.35
N ASP F 26 -26.77 -45.83 -18.25
CA ASP F 26 -26.04 -47.10 -18.11
C ASP F 26 -24.84 -47.25 -19.03
N THR F 27 -24.44 -46.16 -19.69
CA THR F 27 -23.27 -46.13 -20.57
C THR F 27 -22.15 -45.42 -19.84
N PRO F 28 -20.97 -46.06 -19.72
CA PRO F 28 -19.84 -45.37 -19.09
C PRO F 28 -19.26 -44.31 -20.02
N VAL F 29 -19.24 -43.07 -19.56
CA VAL F 29 -18.90 -41.92 -20.41
C VAL F 29 -17.80 -40.99 -19.85
N ILE F 30 -17.61 -40.98 -18.53
CA ILE F 30 -16.68 -40.02 -17.90
C ILE F 30 -15.85 -40.72 -16.83
N ARG F 31 -14.56 -40.43 -16.82
CA ARG F 31 -13.65 -40.82 -15.74
C ARG F 31 -13.71 -39.78 -14.62
N CYS F 32 -14.16 -40.20 -13.44
CA CYS F 32 -14.42 -39.31 -12.33
C CYS F 32 -13.44 -39.58 -11.19
N PHE F 33 -12.55 -38.63 -10.94
CA PHE F 33 -11.72 -38.67 -9.76
C PHE F 33 -12.46 -37.89 -8.70
N ILE F 34 -12.85 -38.57 -7.63
CA ILE F 34 -13.58 -37.93 -6.54
CA ILE F 34 -13.61 -37.96 -6.53
C ILE F 34 -12.92 -38.29 -5.20
N CYS F 35 -12.71 -37.27 -4.39
CA CYS F 35 -12.10 -37.42 -3.08
C CYS F 35 -12.92 -36.62 -2.06
N LEU F 36 -13.47 -37.31 -1.06
CA LEU F 36 -14.16 -36.67 0.05
C LEU F 36 -13.28 -36.76 1.29
N THR F 37 -12.74 -35.63 1.75
CA THR F 37 -11.85 -35.60 2.91
C THR F 37 -12.52 -34.87 4.07
N ARG F 38 -12.85 -35.64 5.11
CA ARG F 38 -13.38 -35.09 6.34
C ARG F 38 -12.23 -34.79 7.30
N ASP F 39 -12.06 -33.53 7.67
CA ASP F 39 -11.16 -33.20 8.77
C ASP F 39 -12.02 -33.02 10.02
N SER F 40 -11.85 -31.95 10.79
CA SER F 40 -12.53 -31.87 12.10
C SER F 40 -14.05 -31.77 11.96
N ASN F 41 -14.51 -30.88 11.08
CA ASN F 41 -15.93 -30.55 10.98
C ASN F 41 -16.45 -30.54 9.55
N LEU F 42 -15.61 -30.09 8.62
CA LEU F 42 -16.01 -29.92 7.24
C LEU F 42 -15.47 -31.06 6.37
N VAL F 43 -16.19 -31.30 5.28
CA VAL F 43 -15.76 -32.23 4.27
C VAL F 43 -15.37 -31.40 3.06
N THR F 44 -14.17 -31.65 2.54
CA THR F 44 -13.71 -31.03 1.29
C THR F 44 -13.89 -32.05 0.17
N VAL F 45 -14.64 -31.65 -0.85
CA VAL F 45 -14.77 -32.42 -2.08
C VAL F 45 -13.68 -31.93 -3.02
N ASN F 46 -12.83 -32.85 -3.48
CA ASN F 46 -11.80 -32.56 -4.46
C ASN F 46 -12.10 -33.51 -5.62
N ALA F 47 -12.38 -32.95 -6.79
CA ALA F 47 -12.84 -33.76 -7.92
C ALA F 47 -12.29 -33.27 -9.26
N SER F 48 -12.15 -34.20 -10.19
CA SER F 48 -11.77 -33.87 -11.57
C SER F 48 -12.31 -34.95 -12.50
N PHE F 49 -12.56 -34.55 -13.75
CA PHE F 49 -13.31 -35.37 -14.68
C PHE F 49 -12.68 -35.34 -16.06
N VAL F 50 -12.67 -36.49 -16.74
CA VAL F 50 -12.20 -36.59 -18.12
C VAL F 50 -13.23 -37.37 -18.91
N GLY F 51 -13.78 -36.73 -19.93
CA GLY F 51 -14.80 -37.37 -20.76
C GLY F 51 -14.18 -38.35 -21.74
N GLU F 52 -14.94 -39.40 -22.06
CA GLU F 52 -14.54 -40.41 -23.03
C GLU F 52 -15.68 -40.63 -24.03
N GLY F 53 -15.37 -41.21 -25.19
CA GLY F 53 -16.40 -41.54 -26.18
C GLY F 53 -17.06 -40.29 -26.72
N GLY F 54 -18.39 -40.23 -26.67
CA GLY F 54 -19.14 -39.05 -27.10
C GLY F 54 -18.97 -37.84 -26.20
N TYR F 55 -18.33 -38.02 -25.03
CA TYR F 55 -18.08 -36.93 -24.09
C TYR F 55 -16.61 -36.53 -24.02
N ARG F 56 -15.79 -37.06 -24.94
CA ARG F 56 -14.38 -36.68 -24.99
C ARG F 56 -14.25 -35.20 -25.32
N ILE F 57 -15.06 -34.75 -26.28
CA ILE F 57 -15.16 -33.35 -26.67
C ILE F 57 -16.58 -32.91 -26.37
N VAL F 58 -16.73 -31.78 -25.70
CA VAL F 58 -18.03 -31.15 -25.52
C VAL F 58 -18.07 -29.85 -26.34
N SER F 59 -19.23 -29.57 -26.91
CA SER F 59 -19.43 -28.40 -27.74
C SER F 59 -20.38 -27.44 -27.03
N PRO F 60 -20.51 -26.20 -27.55
CA PRO F 60 -21.44 -25.23 -26.98
C PRO F 60 -22.91 -25.68 -26.95
N THR F 61 -23.28 -26.65 -27.77
CA THR F 61 -24.65 -27.17 -27.81
C THR F 61 -24.91 -28.34 -26.84
N GLN F 62 -23.87 -28.78 -26.14
CA GLN F 62 -23.99 -29.88 -25.18
C GLN F 62 -25.13 -29.65 -24.19
N SER F 63 -25.95 -30.67 -24.01
CA SER F 63 -26.99 -30.65 -22.99
C SER F 63 -26.39 -30.84 -21.59
N GLN F 64 -26.90 -30.09 -20.62
CA GLN F 64 -26.48 -30.24 -19.23
C GLN F 64 -26.75 -31.65 -18.70
N PHE F 65 -26.00 -32.06 -17.69
CA PHE F 65 -26.20 -33.37 -17.09
C PHE F 65 -25.69 -33.43 -15.65
N SER F 66 -26.29 -34.32 -14.88
CA SER F 66 -25.91 -34.58 -13.49
C SER F 66 -25.23 -35.93 -13.35
N LEU F 67 -24.18 -35.96 -12.52
CA LEU F 67 -23.59 -37.22 -12.06
C LEU F 67 -23.90 -37.29 -10.58
N ILE F 68 -24.79 -38.20 -10.20
CA ILE F 68 -25.29 -38.27 -8.83
C ILE F 68 -24.68 -39.46 -8.11
N MET F 69 -24.08 -39.20 -6.95
CA MET F 69 -23.64 -40.24 -6.03
C MET F 69 -24.72 -40.40 -4.97
N GLU F 70 -25.17 -41.64 -4.77
CA GLU F 70 -26.18 -41.96 -3.77
C GLU F 70 -25.53 -42.72 -2.64
N PHE F 71 -25.80 -42.33 -1.40
CA PHE F 71 -25.27 -43.01 -0.23
C PHE F 71 -26.41 -43.43 0.69
N ASP F 72 -26.22 -44.56 1.39
CA ASP F 72 -27.20 -44.99 2.39
C ASP F 72 -26.93 -44.32 3.73
N GLN F 73 -27.73 -44.67 4.75
CA GLN F 73 -27.62 -44.04 6.07
C GLN F 73 -26.29 -44.26 6.81
N PHE F 74 -25.47 -45.20 6.34
CA PHE F 74 -24.16 -45.50 6.93
C PHE F 74 -22.99 -44.89 6.16
N GLY F 75 -23.28 -44.09 5.12
CA GLY F 75 -22.23 -43.51 4.29
C GLY F 75 -21.68 -44.43 3.23
N GLN F 76 -22.40 -45.52 2.94
CA GLN F 76 -21.96 -46.47 1.93
C GLN F 76 -22.50 -46.06 0.57
N LEU F 77 -21.62 -46.04 -0.42
CA LEU F 77 -22.01 -45.68 -1.77
C LEU F 77 -22.92 -46.77 -2.34
N MET F 78 -24.06 -46.36 -2.90
CA MET F 78 -25.05 -47.28 -3.44
C MET F 78 -24.76 -47.60 -4.91
N SER F 79 -25.44 -48.62 -5.44
CA SER F 79 -25.19 -49.10 -6.80
C SER F 79 -25.94 -48.32 -7.88
N THR F 80 -26.80 -47.38 -7.49
CA THR F 80 -27.85 -46.85 -8.37
C THR F 80 -27.58 -45.44 -8.96
N GLY F 81 -26.55 -44.76 -8.48
CA GLY F 81 -26.20 -43.44 -8.99
C GLY F 81 -25.40 -43.51 -10.28
N ASN F 82 -25.12 -42.34 -10.86
CA ASN F 82 -24.27 -42.24 -12.03
C ASN F 82 -22.82 -42.59 -11.69
N ILE F 83 -22.43 -42.30 -10.45
CA ILE F 83 -21.17 -42.77 -9.91
C ILE F 83 -21.58 -43.66 -8.73
N ASN F 84 -21.12 -44.90 -8.74
CA ASN F 84 -21.70 -45.92 -7.90
C ASN F 84 -20.71 -47.01 -7.47
N SER F 85 -21.19 -47.95 -6.65
CA SER F 85 -20.35 -48.94 -6.00
C SER F 85 -19.87 -50.09 -6.91
N THR F 86 -20.26 -50.09 -8.18
CA THR F 86 -19.76 -51.10 -9.14
C THR F 86 -18.32 -50.81 -9.58
N THR F 87 -17.83 -49.60 -9.29
CA THR F 87 -16.44 -49.26 -9.59
C THR F 87 -15.70 -48.91 -8.30
N THR F 88 -14.39 -48.70 -8.40
CA THR F 88 -13.52 -48.53 -7.26
C THR F 88 -13.93 -47.35 -6.38
N TRP F 89 -14.14 -47.62 -5.09
CA TRP F 89 -14.51 -46.61 -4.10
C TRP F 89 -14.23 -47.13 -2.71
N GLY F 90 -13.57 -46.32 -1.90
CA GLY F 90 -13.31 -46.71 -0.52
C GLY F 90 -12.44 -45.71 0.21
N GLU F 91 -11.94 -46.13 1.37
CA GLU F 91 -11.16 -45.25 2.21
C GLU F 91 -9.72 -45.14 1.71
N LYS F 92 -9.15 -43.94 1.79
CA LYS F 92 -7.72 -43.73 1.54
C LYS F 92 -6.96 -43.82 2.84
N PRO F 93 -6.11 -44.85 2.99
CA PRO F 93 -5.28 -44.91 4.19
C PRO F 93 -4.27 -43.78 4.20
N TRP F 94 -4.04 -43.19 5.36
CA TRP F 94 -2.98 -42.21 5.46
C TRP F 94 -1.67 -42.92 5.14
N GLY F 95 -0.87 -42.34 4.25
CA GLY F 95 0.44 -42.90 3.92
C GLY F 95 0.51 -43.65 2.61
N ASN F 96 -0.62 -43.94 1.98
CA ASN F 96 -0.58 -44.60 0.69
C ASN F 96 -1.76 -44.24 -0.20
N ASN F 97 -1.68 -44.65 -1.46
CA ASN F 97 -2.70 -44.34 -2.48
C ASN F 97 -3.65 -45.48 -2.80
N THR F 98 -3.78 -46.43 -1.88
CA THR F 98 -4.72 -47.53 -2.08
C THR F 98 -6.15 -47.08 -1.82
N VAL F 99 -7.09 -47.93 -2.23
CA VAL F 99 -8.50 -47.76 -1.90
C VAL F 99 -8.94 -48.96 -1.07
N GLN F 100 -9.29 -48.72 0.19
CA GLN F 100 -9.74 -49.75 1.10
C GLN F 100 -11.27 -49.85 1.00
N PRO F 101 -11.76 -50.91 0.35
CA PRO F 101 -13.18 -50.99 -0.02
C PRO F 101 -14.15 -51.46 1.08
N ARG F 102 -13.67 -52.05 2.17
CA ARG F 102 -14.57 -52.56 3.21
C ARG F 102 -15.17 -51.42 4.05
N PRO F 103 -16.51 -51.26 4.04
CA PRO F 103 -17.13 -50.20 4.82
C PRO F 103 -16.86 -50.26 6.31
N SER F 104 -16.81 -49.09 6.92
CA SER F 104 -16.72 -48.92 8.37
C SER F 104 -17.80 -47.94 8.81
N HIS F 105 -18.12 -47.97 10.10
CA HIS F 105 -19.03 -46.99 10.71
C HIS F 105 -18.54 -45.55 10.50
N THR F 106 -17.23 -45.37 10.38
CA THR F 106 -16.59 -44.06 10.22
C THR F 106 -16.93 -43.37 8.88
N TRP F 107 -17.40 -44.14 7.90
CA TRP F 107 -17.66 -43.62 6.56
C TRP F 107 -18.78 -42.56 6.55
N LYS F 108 -19.67 -42.64 7.54
CA LYS F 108 -20.72 -41.64 7.76
C LYS F 108 -20.17 -40.22 7.96
N LEU F 109 -18.96 -40.10 8.51
CA LEU F 109 -18.37 -38.78 8.77
C LEU F 109 -18.07 -37.98 7.49
N CYS F 110 -18.05 -38.65 6.35
CA CYS F 110 -17.85 -37.97 5.06
C CYS F 110 -19.14 -37.49 4.40
N MET F 111 -20.28 -37.83 5.01
CA MET F 111 -21.58 -37.49 4.47
C MET F 111 -21.98 -36.05 4.83
N PRO F 112 -22.82 -35.42 3.99
CA PRO F 112 -23.34 -34.09 4.33
C PRO F 112 -24.38 -34.12 5.46
N ASN F 113 -24.03 -33.47 6.55
CA ASN F 113 -24.87 -33.32 7.73
C ASN F 113 -26.37 -33.21 7.39
N ARG F 114 -27.14 -34.23 7.78
CA ARG F 114 -28.57 -34.30 7.46
C ARG F 114 -29.39 -33.16 8.07
N GLU F 115 -29.01 -32.71 9.26
CA GLU F 115 -29.71 -31.60 9.90
C GLU F 115 -29.37 -30.27 9.22
N VAL F 116 -28.08 -30.03 8.96
CA VAL F 116 -27.67 -28.82 8.27
C VAL F 116 -28.25 -28.76 6.85
N TYR F 117 -28.28 -29.90 6.16
CA TYR F 117 -28.77 -29.96 4.79
C TYR F 117 -30.06 -30.78 4.76
N SER F 118 -31.03 -30.36 5.56
CA SER F 118 -32.35 -31.00 5.59
C SER F 118 -33.19 -30.63 4.36
N THR F 119 -32.81 -29.53 3.70
CA THR F 119 -33.29 -29.22 2.36
C THR F 119 -32.05 -29.03 1.46
N PRO F 120 -32.17 -29.33 0.16
CA PRO F 120 -30.98 -29.30 -0.71
C PRO F 120 -30.21 -27.97 -0.73
N ALA F 121 -28.89 -28.08 -0.70
CA ALA F 121 -28.00 -26.93 -0.79
C ALA F 121 -27.20 -27.04 -2.08
N ALA F 122 -26.65 -25.92 -2.53
CA ALA F 122 -25.86 -25.93 -3.76
C ALA F 122 -24.72 -24.93 -3.75
N THR F 123 -23.71 -25.21 -4.56
CA THR F 123 -22.62 -24.30 -4.87
C THR F 123 -22.33 -24.43 -6.34
N ILE F 124 -22.58 -23.38 -7.10
CA ILE F 124 -22.24 -23.37 -8.52
C ILE F 124 -20.93 -22.62 -8.70
N SER F 125 -19.98 -23.28 -9.37
CA SER F 125 -18.64 -22.74 -9.53
C SER F 125 -18.15 -22.93 -10.95
N ARG F 126 -17.18 -22.10 -11.32
CA ARG F 126 -16.51 -22.22 -12.60
C ARG F 126 -15.83 -23.56 -12.72
N CYS F 127 -15.82 -24.11 -13.93
CA CYS F 127 -15.18 -25.37 -14.23
C CYS F 127 -14.41 -25.21 -15.54
N GLY F 128 -13.14 -24.86 -15.44
CA GLY F 128 -12.28 -24.72 -16.61
C GLY F 128 -12.08 -26.07 -17.29
N LEU F 129 -12.06 -26.04 -18.61
CA LEU F 129 -11.82 -27.25 -19.42
C LEU F 129 -10.52 -27.11 -20.19
N ASP F 130 -9.71 -28.16 -20.18
CA ASP F 130 -8.45 -28.22 -20.93
C ASP F 130 -7.58 -26.99 -20.70
N SER F 131 -7.56 -26.54 -19.45
CA SER F 131 -7.06 -25.22 -19.10
C SER F 131 -5.58 -24.98 -19.41
N ILE F 132 -4.74 -25.99 -19.19
CA ILE F 132 -3.32 -25.84 -19.51
C ILE F 132 -3.14 -25.68 -21.02
N ALA F 133 -3.76 -26.57 -21.81
CA ALA F 133 -3.62 -26.55 -23.27
C ALA F 133 -4.22 -25.30 -23.92
N VAL F 134 -5.33 -24.79 -23.37
CA VAL F 134 -5.95 -23.57 -23.91
C VAL F 134 -5.46 -22.30 -23.19
N ASP F 135 -4.47 -22.46 -22.31
CA ASP F 135 -3.95 -21.39 -21.46
C ASP F 135 -5.04 -20.52 -20.79
N GLY F 136 -6.07 -21.16 -20.26
CA GLY F 136 -7.08 -20.48 -19.47
C GLY F 136 -7.94 -19.48 -20.23
N ALA F 137 -8.08 -19.69 -21.54
CA ALA F 137 -8.97 -18.86 -22.36
C ALA F 137 -10.33 -18.75 -21.68
N PRO F 138 -10.84 -17.51 -21.50
CA PRO F 138 -12.14 -17.34 -20.84
C PRO F 138 -13.30 -18.12 -21.46
N SER F 139 -13.22 -18.37 -22.77
CA SER F 139 -14.23 -19.10 -23.52
C SER F 139 -14.10 -20.63 -23.44
N ARG F 140 -13.35 -21.12 -22.46
CA ARG F 140 -13.10 -22.55 -22.33
C ARG F 140 -13.54 -23.08 -20.96
N SER F 141 -14.41 -22.34 -20.29
CA SER F 141 -14.98 -22.75 -19.00
C SER F 141 -16.47 -23.06 -19.13
N ILE F 142 -16.91 -24.02 -18.34
CA ILE F 142 -18.31 -24.24 -18.12
C ILE F 142 -18.55 -24.00 -16.61
N ASP F 143 -19.72 -24.38 -16.12
CA ASP F 143 -19.96 -24.38 -14.69
C ASP F 143 -20.14 -25.80 -14.18
N CYS F 144 -19.72 -26.03 -12.93
CA CYS F 144 -20.10 -27.25 -12.23
C CYS F 144 -20.75 -26.86 -10.93
N MET F 145 -21.98 -27.33 -10.74
CA MET F 145 -22.72 -27.09 -9.52
C MET F 145 -22.78 -28.37 -8.70
N LEU F 146 -22.33 -28.29 -7.46
CA LEU F 146 -22.52 -29.37 -6.52
C LEU F 146 -23.85 -29.17 -5.84
N ILE F 147 -24.71 -30.18 -5.90
CA ILE F 147 -25.96 -30.18 -5.16
C ILE F 147 -25.84 -31.19 -4.04
N ILE F 148 -26.17 -30.75 -2.83
CA ILE F 148 -26.05 -31.55 -1.62
C ILE F 148 -27.44 -31.99 -1.14
N ASN F 149 -27.65 -33.30 -1.09
CA ASN F 149 -28.89 -33.91 -0.56
C ASN F 149 -30.18 -33.59 -1.30
N LYS F 150 -30.09 -33.40 -2.62
CA LYS F 150 -31.28 -33.40 -3.45
C LYS F 150 -31.78 -34.85 -3.48
N PRO F 151 -33.06 -35.09 -3.15
CA PRO F 151 -33.53 -36.48 -3.08
C PRO F 151 -33.35 -37.28 -4.38
N LYS F 152 -33.01 -38.55 -4.22
CA LYS F 152 -32.88 -39.48 -5.32
C LYS F 152 -33.15 -40.90 -4.78
N GLY F 153 -34.18 -41.54 -5.31
CA GLY F 153 -34.53 -42.90 -4.90
C GLY F 153 -34.75 -43.03 -3.40
N VAL F 154 -34.01 -43.93 -2.78
CA VAL F 154 -34.08 -44.15 -1.33
C VAL F 154 -32.75 -43.81 -0.66
N ALA F 155 -31.92 -43.01 -1.35
CA ALA F 155 -30.64 -42.55 -0.81
C ALA F 155 -30.88 -41.69 0.43
N THR F 156 -30.02 -41.82 1.44
CA THR F 156 -30.08 -40.96 2.62
C THR F 156 -29.29 -39.68 2.40
N TYR F 157 -28.19 -39.80 1.67
CA TYR F 157 -27.37 -38.68 1.26
C TYR F 157 -27.15 -38.73 -0.24
N THR F 158 -27.05 -37.57 -0.86
CA THR F 158 -26.64 -37.51 -2.26
C THR F 158 -25.64 -36.38 -2.48
N LEU F 159 -24.72 -36.61 -3.40
CA LEU F 159 -23.85 -35.58 -3.94
C LEU F 159 -23.98 -35.63 -5.45
N THR F 160 -24.35 -34.49 -6.04
CA THR F 160 -24.57 -34.38 -7.47
C THR F 160 -23.61 -33.34 -8.06
N PHE F 161 -22.86 -33.76 -9.06
CA PHE F 161 -22.05 -32.84 -9.87
C PHE F 161 -22.86 -32.55 -11.11
N ARG F 162 -23.36 -31.32 -11.23
CA ARG F 162 -24.16 -30.95 -12.38
C ARG F 162 -23.39 -29.99 -13.27
N PHE F 163 -23.17 -30.43 -14.51
CA PHE F 163 -22.39 -29.66 -15.49
C PHE F 163 -23.33 -28.86 -16.36
N LEU F 164 -23.10 -27.55 -16.38
CA LEU F 164 -24.04 -26.55 -16.91
C LEU F 164 -23.33 -25.48 -17.71
N ASN F 165 -24.12 -24.79 -18.53
CA ASN F 165 -23.67 -23.59 -19.24
C ASN F 165 -22.50 -23.86 -20.19
N PHE F 166 -22.71 -24.87 -21.05
CA PHE F 166 -21.80 -25.21 -22.12
C PHE F 166 -21.83 -24.18 -23.23
N ASN F 167 -22.96 -23.48 -23.37
CA ASN F 167 -23.11 -22.46 -24.40
C ASN F 167 -22.11 -21.30 -24.24
N ARG F 168 -21.47 -21.24 -23.07
CA ARG F 168 -20.35 -20.34 -22.79
C ARG F 168 -19.09 -20.65 -23.62
N LEU F 169 -18.97 -21.89 -24.12
CA LEU F 169 -17.78 -22.33 -24.87
C LEU F 169 -17.67 -21.75 -26.28
N SER F 170 -16.44 -21.50 -26.73
CA SER F 170 -16.19 -20.96 -28.08
C SER F 170 -16.31 -22.04 -29.16
N GLY F 171 -16.15 -23.29 -28.75
CA GLY F 171 -16.33 -24.42 -29.66
C GLY F 171 -16.04 -25.72 -28.96
N GLY F 172 -15.87 -26.77 -29.75
CA GLY F 172 -15.49 -28.09 -29.27
C GLY F 172 -14.30 -27.98 -28.34
N THR F 173 -14.45 -28.51 -27.13
CA THR F 173 -13.40 -28.42 -26.11
C THR F 173 -13.29 -29.78 -25.44
N LEU F 174 -12.06 -30.25 -25.24
CA LEU F 174 -11.82 -31.49 -24.53
C LEU F 174 -12.44 -31.39 -23.14
N PHE F 175 -13.28 -32.37 -22.78
CA PHE F 175 -13.88 -32.41 -21.46
C PHE F 175 -12.87 -32.95 -20.45
N LYS F 176 -11.89 -32.11 -20.14
CA LYS F 176 -10.81 -32.42 -19.20
C LYS F 176 -10.84 -31.31 -18.17
N THR F 177 -11.58 -31.54 -17.08
CA THR F 177 -11.86 -30.47 -16.13
C THR F 177 -10.65 -30.11 -15.28
N ASP F 178 -10.70 -28.88 -14.77
CA ASP F 178 -9.86 -28.47 -13.67
C ASP F 178 -10.11 -29.33 -12.44
N VAL F 179 -9.17 -29.26 -11.50
CA VAL F 179 -9.40 -29.70 -10.14
C VAL F 179 -10.46 -28.77 -9.50
N LEU F 180 -11.57 -29.36 -9.08
CA LEU F 180 -12.70 -28.64 -8.52
C LEU F 180 -12.78 -28.90 -7.03
N THR F 181 -13.13 -27.88 -6.27
CA THR F 181 -13.21 -28.00 -4.81
C THR F 181 -14.55 -27.46 -4.34
N PHE F 182 -15.18 -28.19 -3.44
CA PHE F 182 -16.40 -27.78 -2.75
C PHE F 182 -16.23 -28.14 -1.28
N THR F 183 -17.05 -27.53 -0.42
CA THR F 183 -16.99 -27.74 1.04
C THR F 183 -18.41 -27.85 1.61
N TYR F 184 -18.63 -28.78 2.54
CA TYR F 184 -19.87 -28.86 3.29
C TYR F 184 -19.61 -29.36 4.70
N VAL F 185 -20.59 -29.17 5.58
CA VAL F 185 -20.52 -29.60 6.96
C VAL F 185 -20.73 -31.10 7.05
N GLY F 186 -19.80 -31.79 7.69
CA GLY F 186 -19.84 -33.24 7.77
C GLY F 186 -20.86 -33.74 8.78
N GLU F 187 -21.33 -34.96 8.55
CA GLU F 187 -22.31 -35.60 9.41
C GLU F 187 -21.65 -35.98 10.75
N ASN F 188 -22.47 -36.02 11.80
CA ASN F 188 -22.01 -36.44 13.11
C ASN F 188 -22.03 -37.96 13.23
N GLN F 189 -21.05 -38.49 13.95
CA GLN F 189 -20.98 -39.91 14.27
C GLN F 189 -22.33 -40.41 14.82
C1 GAL G . 16.41 -5.42 3.80
C2 GAL G . 17.41 -5.57 2.65
C3 GAL G . 17.43 -4.33 1.75
C4 GAL G . 16.00 -3.97 1.34
C5 GAL G . 15.11 -3.87 2.58
C6 GAL G . 13.68 -3.48 2.22
O1 GAL G . 16.36 -6.64 4.54
O2 GAL G . 18.73 -5.80 3.15
O3 GAL G . 18.24 -4.61 0.60
O4 GAL G . 15.49 -4.98 0.45
O5 GAL G . 15.12 -5.11 3.28
O6 GAL G . 12.95 -3.25 3.44
C1 SIA G . 18.33 -2.31 -0.16
C2 SIA G . 19.11 -3.57 0.13
C3 SIA G . 19.80 -4.12 -1.12
C4 SIA G . 20.99 -3.28 -1.58
C5 SIA G . 21.92 -2.99 -0.40
C6 SIA G . 21.12 -2.39 0.75
C7 SIA G . 21.93 -2.02 2.00
C8 SIA G . 20.99 -1.52 3.12
C9 SIA G . 21.75 -0.79 4.20
C10 SIA G . 24.16 -2.04 -0.46
C11 SIA G . 25.07 -0.99 -1.04
N5 SIA G . 22.90 -2.00 -0.88
O1A SIA G . 18.33 -1.38 0.70
O1B SIA G . 17.67 -2.22 -1.23
O4 SIA G . 21.70 -3.94 -2.63
O6 SIA G . 20.11 -3.33 1.13
O7 SIA G . 22.66 -3.16 2.44
O8 SIA G . 19.96 -0.67 2.56
O9 SIA G . 20.83 -0.44 5.26
O10 SIA G . 24.54 -2.87 0.35
C1 GOL H . -1.02 12.06 5.72
O1 GOL H . 0.23 11.95 6.37
C2 GOL H . -2.11 11.42 6.59
O2 GOL H . -3.19 10.99 5.81
C3 GOL H . -2.60 12.43 7.63
O3 GOL H . -2.95 11.72 8.79
C1 GOL I . 8.39 38.97 -4.47
O1 GOL I . 7.16 38.25 -4.36
C2 GOL I . 8.15 40.48 -4.56
O2 GOL I . 9.03 41.05 -5.50
C3 GOL I . 8.36 41.12 -3.20
O3 GOL I . 7.64 42.32 -3.11
C1 SIA J . -7.08 23.41 -15.85
C2 SIA J . -8.51 23.20 -16.33
C3 SIA J . -8.59 22.22 -17.50
C4 SIA J . -8.30 20.79 -17.06
C5 SIA J . -9.18 20.39 -15.88
C6 SIA J . -9.00 21.42 -14.75
C7 SIA J . -9.81 21.16 -13.48
C8 SIA J . -9.66 22.31 -12.46
C9 SIA J . -10.11 21.85 -11.08
C10 SIA J . -9.51 18.18 -14.84
C11 SIA J . -8.90 16.89 -14.39
N5 SIA J . -8.70 19.09 -15.39
O1A SIA J . -6.92 23.65 -14.63
O1B SIA J . -6.15 23.35 -16.67
O2 SIA J . -8.96 24.50 -16.72
O4 SIA J . -8.49 19.90 -18.16
O6 SIA J . -9.32 22.72 -15.25
O7 SIA J . -11.20 21.02 -13.79
O8 SIA J . -8.29 22.71 -12.43
O9 SIA J . -10.06 22.96 -10.17
O10 SIA J . -10.71 18.39 -14.69
C1 SIA K . 31.25 32.38 -13.60
C2 SIA K . 31.97 33.50 -14.35
C3 SIA K . 31.96 33.29 -15.86
C4 SIA K . 30.59 33.54 -16.47
C5 SIA K . 30.02 34.89 -16.03
C6 SIA K . 30.02 34.94 -14.50
C7 SIA K . 29.53 36.25 -13.87
C8 SIA K . 29.73 36.22 -12.35
C9 SIA K . 28.94 37.33 -11.67
C10 SIA K . 28.10 36.10 -16.87
C11 SIA K . 26.69 36.02 -17.37
N5 SIA K . 28.65 34.94 -16.52
O1A SIA K . 30.64 32.64 -12.54
O1B SIA K . 31.29 31.21 -14.09
O2 SIA K . 33.31 33.54 -13.86
O4 SIA K . 30.69 33.53 -17.90
O6 SIA K . 31.37 34.77 -14.05
O7 SIA K . 30.25 37.35 -14.43
O8 SIA K . 29.34 34.93 -11.82
O9 SIA K . 29.28 37.36 -10.28
O10 SIA K . 28.71 37.17 -16.78
C1 SIA L . -22.73 0.42 1.81
C2 SIA L . -23.70 1.41 2.43
C3 SIA L . -24.64 2.07 1.41
C4 SIA L . -25.71 1.11 0.90
C5 SIA L . -26.41 0.40 2.06
C6 SIA L . -25.38 -0.27 2.97
C7 SIA L . -25.95 -0.96 4.21
C8 SIA L . -24.82 -1.45 5.13
C9 SIA L . -25.35 -2.46 6.14
C10 SIA L . -28.41 -0.97 2.05
C11 SIA L . -29.18 -2.12 1.45
N5 SIA L . -27.23 -0.69 1.51
O1A SIA L . -22.39 -0.60 2.47
O1B SIA L . -22.30 0.64 0.65
O2 SIA L . -22.95 2.42 3.13
O4 SIA L . -26.68 1.80 0.10
O6 SIA L . -24.49 0.75 3.43
O7 SIA L . -26.77 -0.04 4.95
O8 SIA L . -23.74 -2.05 4.39
O9 SIA L . -24.31 -2.76 7.09
O10 SIA L . -28.84 -0.34 3.00
C1 GOL M . -27.66 -24.19 6.43
O1 GOL M . -28.00 -25.01 5.34
C2 GOL M . -28.87 -23.59 7.17
O2 GOL M . -30.09 -23.67 6.47
C3 GOL M . -29.06 -24.27 8.50
O3 GOL M . -29.01 -25.67 8.44
C1 GOL N . 28.55 19.92 7.99
O1 GOL N . 28.69 20.20 6.62
C2 GOL N . 29.37 18.71 8.41
O2 GOL N . 30.34 18.31 7.45
C3 GOL N . 30.09 18.92 9.72
O3 GOL N . 29.88 20.18 10.29
C1 GOL O . -0.67 -11.57 3.80
O1 GOL O . -1.85 -10.84 4.07
C2 GOL O . 0.48 -10.65 3.40
O2 GOL O . 0.08 -9.30 3.33
C3 GOL O . 1.65 -10.79 4.35
O3 GOL O . 1.24 -10.77 5.70
C1 SIA P . 4.66 -16.90 -20.75
C2 SIA P . 5.94 -16.26 -21.26
C3 SIA P . 5.66 -15.09 -22.21
C4 SIA P . 5.18 -13.84 -21.48
C5 SIA P . 6.10 -13.49 -20.32
C6 SIA P . 6.24 -14.72 -19.41
C7 SIA P . 7.14 -14.54 -18.19
C8 SIA P . 7.34 -15.85 -17.43
C9 SIA P . 7.90 -15.62 -16.03
C10 SIA P . 6.18 -11.41 -18.99
C11 SIA P . 5.37 -10.36 -18.29
N5 SIA P . 5.48 -12.39 -19.59
O1A SIA P . 4.66 -17.43 -19.60
O1B SIA P . 3.65 -16.91 -21.50
O2 SIA P . 6.66 -17.28 -21.97
O4 SIA P . 5.09 -12.72 -22.38
O6 SIA P . 6.77 -15.82 -20.17
O7 SIA P . 8.42 -14.02 -18.60
O8 SIA P . 6.10 -16.57 -17.31
O9 SIA P . 8.07 -16.88 -15.36
O10 SIA P . 7.40 -11.37 -19.02
C1 GOL Q . -6.39 -36.87 -12.23
O1 GOL Q . -5.99 -36.27 -11.01
C2 GOL Q . -6.88 -38.32 -12.09
O2 GOL Q . -6.29 -39.14 -13.07
C3 GOL Q . -6.65 -38.91 -10.70
O3 GOL Q . -5.33 -39.39 -10.57
C1 SIA R . -31.21 -33.12 -16.93
C2 SIA R . -31.79 -34.19 -17.82
C3 SIA R . -31.99 -33.71 -19.27
C4 SIA R . -30.67 -33.60 -20.03
C5 SIA R . -29.87 -34.89 -19.92
C6 SIA R . -29.68 -35.25 -18.45
C7 SIA R . -28.89 -36.52 -18.16
C8 SIA R . -28.83 -36.82 -16.65
C9 SIA R . -27.75 -37.85 -16.34
C10 SIA R . -27.87 -35.57 -21.17
C11 SIA R . -26.56 -35.13 -21.76
N5 SIA R . -28.56 -34.63 -20.53
O1A SIA R . -30.45 -33.48 -15.98
O1B SIA R . -31.52 -31.92 -17.13
O2 SIA R . -33.05 -34.53 -17.25
O4 SIA R . -30.91 -33.27 -21.41
O6 SIA R . -30.97 -35.38 -17.82
O7 SIA R . -29.46 -37.65 -18.84
O8 SIA R . -28.59 -35.61 -15.91
O9 SIA R . -27.85 -38.24 -14.95
O10 SIA R . -28.26 -36.73 -21.28
#